data_4BP3
#
_entry.id   4BP3
#
_cell.length_a   195.460
_cell.length_b   132.790
_cell.length_c   49.158
_cell.angle_alpha   90.00
_cell.angle_beta   94.86
_cell.angle_gamma   90.00
#
_symmetry.space_group_name_H-M   'C 1 2 1'
#
loop_
_entity.id
_entity.type
_entity.pdbx_description
1 polymer 'SPERMIDINE SYNTHASE'
2 non-polymer 4-METHYLANILINE
3 non-polymer "5'-[(S)-(3-AMINOPROPYL)(METHYL)-LAMBDA~4~-SULFANYL]-5'-DEOXYADENOSINE"
4 non-polymer GLYCEROL
5 non-polymer 2-(2-{2-[2-(2-METHOXY-ETHOXY)-ETHOXY]-ETHOXY}-ETHOXY)-ETHANOL
6 water water
#
_entity_poly.entity_id   1
_entity_poly.type   'polypeptide(L)'
_entity_poly.pdbx_seq_one_letter_code
;GSKKWFSEFSIMWPGQAFSLKIKKILYETKSKYQNVLVFESTTYGKVLVLDGVIQLTEKDEFAYHEMMTHVPMTVSKEPK
NVLVVGGGDGGIIRELCKYKSVENIDICEIDETVIEVSKIYFKNISCGYEDKRVNVFIEDASKFLENVTNTYDVIIVDSS
DPIGPAETLFNQNFYEKIYNALKPNGYCVAQCESLWIHVGTIKNMIGYAKKLFKKVEYANISIPTYPCGCIGILCCSKTD
TGLTKPNKKLESKEFADLKYYNYENHSAAFKLPAFLLKEIENI
;
_entity_poly.pdbx_strand_id   A,B,C
#
# COMPACT_ATOMS: atom_id res chain seq x y z
N LYS A 3 20.83 25.70 -2.74
CA LYS A 3 21.30 24.42 -2.10
C LYS A 3 21.57 24.56 -0.57
N LYS A 4 21.10 23.59 0.18
CA LYS A 4 21.13 23.59 1.64
C LYS A 4 22.45 22.85 2.01
N TRP A 5 22.88 23.01 3.26
CA TRP A 5 23.96 22.24 3.85
C TRP A 5 23.50 21.36 5.03
N PHE A 6 24.14 20.21 5.17
CA PHE A 6 24.01 19.42 6.32
C PHE A 6 25.12 19.81 7.33
N SER A 7 24.81 20.05 8.61
CA SER A 7 25.80 20.34 9.62
C SER A 7 25.78 19.37 10.77
N GLU A 8 26.95 18.90 11.17
CA GLU A 8 27.07 17.94 12.25
C GLU A 8 27.43 18.51 13.64
N PHE A 9 26.43 18.86 14.41
CA PHE A 9 26.64 19.51 15.71
C PHE A 9 26.44 18.45 16.69
N SER A 10 27.20 18.46 17.78
CA SER A 10 26.98 17.47 18.84
C SER A 10 27.65 17.91 20.17
N ILE A 11 27.02 17.59 21.28
CA ILE A 11 27.70 17.79 22.57
C ILE A 11 28.97 16.94 22.73
N MET A 12 29.10 15.90 21.91
CA MET A 12 30.28 15.04 21.91
C MET A 12 31.49 15.76 21.31
N TRP A 13 31.24 16.88 20.66
CA TRP A 13 32.34 17.71 20.13
C TRP A 13 31.85 19.15 20.21
N PRO A 14 31.74 19.64 21.43
CA PRO A 14 31.15 20.98 21.55
C PRO A 14 32.08 22.03 20.93
N GLY A 15 31.48 23.07 20.35
CA GLY A 15 32.28 24.19 19.89
C GLY A 15 32.80 24.01 18.52
N GLN A 16 32.51 22.88 17.88
CA GLN A 16 32.95 22.58 16.54
C GLN A 16 31.91 21.91 15.71
N ALA A 17 31.99 22.04 14.40
CA ALA A 17 31.06 21.37 13.49
C ALA A 17 31.58 21.21 12.11
N PHE A 18 31.29 20.06 11.50
CA PHE A 18 31.61 19.85 10.06
C PHE A 18 30.32 19.86 9.24
N SER A 19 30.36 20.41 8.02
CA SER A 19 29.17 20.49 7.12
C SER A 19 29.45 20.01 5.70
N LEU A 20 28.45 19.43 5.06
CA LEU A 20 28.52 19.04 3.63
C LEU A 20 27.36 19.62 2.85
N LYS A 21 27.64 20.06 1.63
CA LYS A 21 26.58 20.61 0.84
C LYS A 21 25.72 19.52 0.21
N ILE A 22 24.43 19.79 0.21
CA ILE A 22 23.43 18.76 -0.23
C ILE A 22 23.04 18.99 -1.68
N LYS A 23 23.27 17.99 -2.52
CA LYS A 23 22.75 17.92 -3.89
C LYS A 23 21.27 17.52 -3.85
N LYS A 24 20.94 16.40 -3.24
CA LYS A 24 19.52 16.07 -3.03
C LYS A 24 19.34 15.12 -1.88
N ILE A 25 18.29 15.32 -1.12
CA ILE A 25 17.95 14.39 -0.10
C ILE A 25 17.37 13.19 -0.81
N LEU A 26 17.77 12.02 -0.41
CA LEU A 26 17.31 10.78 -1.04
C LEU A 26 16.29 10.05 -0.21
N TYR A 27 16.46 10.07 1.09
CA TYR A 27 15.62 9.32 1.98
C TYR A 27 15.80 9.75 3.40
N GLU A 28 14.69 9.82 4.14
CA GLU A 28 14.74 10.09 5.58
C GLU A 28 13.66 9.29 6.23
N THR A 29 13.95 8.88 7.45
CA THR A 29 12.98 8.18 8.26
C THR A 29 13.45 8.17 9.67
N LYS A 30 12.51 7.99 10.58
CA LYS A 30 12.80 7.61 11.93
C LYS A 30 12.62 6.09 12.01
N SER A 31 13.69 5.34 12.30
CA SER A 31 13.56 3.89 12.45
C SER A 31 13.18 3.67 13.89
N LYS A 32 13.16 2.41 14.28
CA LYS A 32 12.98 2.09 15.68
C LYS A 32 14.04 2.71 16.64
N TYR A 33 15.27 2.91 16.14
CA TYR A 33 16.37 3.30 16.99
C TYR A 33 16.92 4.66 16.70
N GLN A 34 16.86 5.07 15.44
CA GLN A 34 17.48 6.31 15.17
C GLN A 34 16.96 7.07 13.97
N ASN A 35 17.29 8.34 13.93
CA ASN A 35 16.97 9.15 12.77
C ASN A 35 17.90 8.81 11.66
N VAL A 36 17.36 8.52 10.49
CA VAL A 36 18.09 8.08 9.39
C VAL A 36 17.98 9.08 8.30
N LEU A 37 19.13 9.52 7.84
CA LEU A 37 19.13 10.42 6.70
C LEU A 37 20.09 9.98 5.60
N VAL A 38 19.67 9.98 4.33
CA VAL A 38 20.55 9.67 3.21
C VAL A 38 20.43 10.81 2.22
N PHE A 39 21.56 11.40 1.83
CA PHE A 39 21.53 12.49 0.88
C PHE A 39 22.69 12.32 -0.05
N GLU A 40 22.53 12.76 -1.29
CA GLU A 40 23.62 12.91 -2.19
C GLU A 40 24.26 14.28 -1.87
N SER A 41 25.54 14.30 -1.49
CA SER A 41 26.25 15.54 -1.26
C SER A 41 26.75 15.98 -2.61
N THR A 42 27.22 17.19 -2.67
CA THR A 42 27.73 17.69 -3.99
C THR A 42 29.10 17.12 -4.31
N THR A 43 29.90 16.86 -3.29
CA THR A 43 31.29 16.44 -3.52
C THR A 43 31.74 15.18 -2.86
N TYR A 44 30.99 14.65 -1.90
CA TYR A 44 31.38 13.44 -1.22
C TYR A 44 30.50 12.22 -1.54
N GLY A 45 29.73 12.37 -2.61
CA GLY A 45 28.78 11.37 -3.06
C GLY A 45 27.70 11.21 -2.04
N LYS A 46 27.12 10.03 -1.97
CA LYS A 46 26.00 9.80 -1.09
C LYS A 46 26.52 9.64 0.35
N VAL A 47 25.72 10.09 1.28
CA VAL A 47 26.07 10.22 2.67
C VAL A 47 24.97 9.61 3.49
N LEU A 48 25.34 8.84 4.49
CA LEU A 48 24.39 8.28 5.44
C LEU A 48 24.66 8.93 6.76
N VAL A 49 23.58 9.41 7.39
CA VAL A 49 23.55 10.09 8.67
C VAL A 49 22.61 9.41 9.61
N LEU A 50 23.09 9.23 10.83
CA LEU A 50 22.27 8.64 11.90
C LEU A 50 22.32 9.50 13.18
N ASP A 51 21.15 9.91 13.69
CA ASP A 51 21.04 10.86 14.81
C ASP A 51 21.89 12.11 14.63
N GLY A 52 21.88 12.60 13.41
CA GLY A 52 22.56 13.80 13.08
C GLY A 52 24.04 13.66 12.98
N VAL A 53 24.54 12.44 12.97
CA VAL A 53 26.00 12.19 12.94
C VAL A 53 26.34 11.44 11.65
N ILE A 54 27.37 11.90 10.96
CA ILE A 54 27.76 11.27 9.73
C ILE A 54 28.34 9.91 10.00
N GLN A 55 27.79 8.93 9.31
CA GLN A 55 28.29 7.52 9.39
C GLN A 55 29.17 7.10 8.27
N LEU A 56 28.88 7.58 7.09
CA LEU A 56 29.72 7.34 5.96
C LEU A 56 29.39 8.21 4.80
N THR A 57 30.39 8.40 3.95
CA THR A 57 30.20 8.98 2.63
C THR A 57 30.87 8.11 1.60
N GLU A 58 30.40 8.13 0.34
CA GLU A 58 30.97 7.26 -0.63
C GLU A 58 32.41 7.67 -0.94
N LYS A 59 32.73 8.93 -0.73
CA LYS A 59 34.09 9.42 -1.02
C LYS A 59 35.13 8.78 -0.15
N ASP A 60 34.86 8.62 1.15
CA ASP A 60 35.93 8.27 2.01
C ASP A 60 35.79 7.02 2.74
N GLU A 61 34.64 6.33 2.61
CA GLU A 61 34.36 5.15 3.47
C GLU A 61 35.43 4.08 3.37
N PHE A 62 36.08 3.96 2.23
CA PHE A 62 37.12 2.93 2.02
C PHE A 62 38.23 3.03 3.08
N ALA A 63 38.45 4.24 3.62
CA ALA A 63 39.56 4.42 4.56
C ALA A 63 39.24 3.73 5.84
N TYR A 64 38.06 4.00 6.35
CA TYR A 64 37.69 3.41 7.59
C TYR A 64 37.39 1.89 7.36
N HIS A 65 36.72 1.54 6.25
CA HIS A 65 36.36 0.10 6.02
C HIS A 65 37.57 -0.77 5.81
N GLU A 66 38.46 -0.29 4.98
CA GLU A 66 39.72 -0.96 4.77
C GLU A 66 40.57 -1.06 6.00
N MET A 67 40.75 -0.02 6.85
CA MET A 67 41.62 -0.19 8.01
CA MET A 67 41.60 -0.15 8.06
C MET A 67 41.03 -1.02 9.13
N MET A 68 39.72 -0.85 9.41
CA MET A 68 39.10 -1.60 10.45
C MET A 68 39.12 -3.12 10.02
N THR A 69 39.01 -3.42 8.74
CA THR A 69 38.92 -4.83 8.26
C THR A 69 40.32 -5.46 8.12
N HIS A 70 41.14 -4.79 7.37
CA HIS A 70 42.43 -5.37 6.99
C HIS A 70 43.53 -5.33 7.99
N VAL A 71 43.46 -4.43 8.98
CA VAL A 71 44.35 -4.51 10.10
C VAL A 71 44.16 -5.88 10.81
N PRO A 72 42.95 -6.17 11.31
CA PRO A 72 42.94 -7.47 11.92
C PRO A 72 42.99 -8.68 10.96
N MET A 73 42.45 -8.58 9.73
CA MET A 73 42.34 -9.75 8.84
C MET A 73 43.70 -10.10 8.20
N THR A 74 44.70 -9.25 8.35
CA THR A 74 46.00 -9.58 7.88
C THR A 74 46.85 -10.05 9.03
N VAL A 75 46.43 -9.83 10.25
CA VAL A 75 47.15 -10.32 11.36
C VAL A 75 46.63 -11.71 11.73
N SER A 76 45.31 -11.89 11.77
CA SER A 76 44.72 -13.23 11.94
C SER A 76 45.24 -14.15 10.86
N LYS A 77 45.77 -15.29 11.26
CA LYS A 77 46.38 -16.21 10.30
C LYS A 77 45.36 -16.87 9.34
N GLU A 78 44.36 -17.58 9.85
CA GLU A 78 43.45 -18.26 8.90
C GLU A 78 42.04 -17.99 9.43
N PRO A 79 41.58 -16.72 9.34
CA PRO A 79 40.27 -16.39 9.93
C PRO A 79 39.16 -17.05 9.09
N LYS A 80 38.36 -17.79 9.80
CA LYS A 80 37.27 -18.59 9.18
C LYS A 80 35.94 -17.93 9.38
N ASN A 81 35.76 -17.45 10.60
CA ASN A 81 34.52 -16.90 11.09
C ASN A 81 34.69 -15.51 11.69
N VAL A 82 33.99 -14.57 11.14
CA VAL A 82 34.17 -13.19 11.53
C VAL A 82 32.83 -12.59 11.87
N LEU A 83 32.81 -11.76 12.90
CA LEU A 83 31.61 -10.97 13.28
C LEU A 83 31.86 -9.51 13.09
N VAL A 84 30.93 -8.89 12.36
CA VAL A 84 30.80 -7.42 12.39
C VAL A 84 29.70 -7.05 13.33
N VAL A 85 30.01 -6.23 14.36
CA VAL A 85 29.07 -5.51 15.17
C VAL A 85 28.76 -4.17 14.56
N GLY A 86 27.47 -3.79 14.51
CA GLY A 86 27.09 -2.62 13.78
C GLY A 86 27.28 -2.86 12.32
N GLY A 87 27.86 -1.92 11.62
CA GLY A 87 28.23 -2.14 10.25
C GLY A 87 27.13 -2.42 9.20
N GLY A 88 25.94 -1.89 9.39
CA GLY A 88 24.80 -2.27 8.52
C GLY A 88 24.91 -1.82 7.12
N ASP A 89 25.72 -0.79 6.92
CA ASP A 89 25.99 -0.39 5.57
C ASP A 89 26.62 -1.50 4.69
N GLY A 90 27.33 -2.42 5.30
CA GLY A 90 27.95 -3.58 4.61
C GLY A 90 29.43 -3.34 4.20
N GLY A 91 29.96 -2.15 4.52
CA GLY A 91 31.33 -1.83 4.04
C GLY A 91 32.38 -2.83 4.54
N ILE A 92 32.28 -3.16 5.80
CA ILE A 92 33.16 -4.12 6.40
C ILE A 92 32.97 -5.50 5.76
N ILE A 93 31.71 -5.87 5.51
CA ILE A 93 31.43 -7.13 4.81
C ILE A 93 32.02 -7.19 3.45
N ARG A 94 31.89 -6.13 2.69
CA ARG A 94 32.44 -6.04 1.37
C ARG A 94 33.94 -6.42 1.44
N GLU A 95 34.61 -5.85 2.43
CA GLU A 95 36.09 -5.98 2.50
C GLU A 95 36.40 -7.38 2.89
N LEU A 96 35.67 -7.88 3.89
CA LEU A 96 35.74 -9.28 4.27
C LEU A 96 35.53 -10.34 3.20
N CYS A 97 34.56 -10.14 2.31
CA CYS A 97 34.28 -11.07 1.21
C CYS A 97 35.43 -11.32 0.24
N LYS A 98 36.41 -10.43 0.25
CA LYS A 98 37.54 -10.52 -0.70
C LYS A 98 38.44 -11.64 -0.31
N TYR A 99 38.32 -12.07 0.94
CA TYR A 99 39.10 -13.14 1.49
C TYR A 99 38.45 -14.51 1.18
N LYS A 100 38.98 -15.24 0.22
CA LYS A 100 38.36 -16.56 -0.19
C LYS A 100 38.34 -17.54 0.98
N SER A 101 39.30 -17.46 1.87
CA SER A 101 39.40 -18.33 3.04
C SER A 101 38.32 -18.16 4.13
N VAL A 102 37.63 -17.04 4.11
CA VAL A 102 36.60 -16.84 5.08
C VAL A 102 35.45 -17.79 4.65
N GLU A 103 34.92 -18.47 5.61
CA GLU A 103 33.77 -19.40 5.37
C GLU A 103 32.45 -18.85 5.85
N ASN A 104 32.48 -17.92 6.83
CA ASN A 104 31.27 -17.36 7.38
C ASN A 104 31.47 -15.90 7.89
N ILE A 105 30.51 -15.06 7.62
CA ILE A 105 30.52 -13.69 8.14
C ILE A 105 29.18 -13.43 8.74
N ASP A 106 29.15 -13.25 10.06
CA ASP A 106 27.95 -12.87 10.77
C ASP A 106 28.00 -11.36 10.97
N ILE A 107 26.86 -10.70 10.81
CA ILE A 107 26.74 -9.25 11.07
C ILE A 107 25.58 -9.10 12.01
N CYS A 108 25.83 -8.46 13.14
CA CYS A 108 24.85 -8.11 14.11
C CYS A 108 24.66 -6.57 14.10
N GLU A 109 23.56 -6.12 13.50
CA GLU A 109 23.23 -4.71 13.31
C GLU A 109 21.89 -4.55 13.93
N ILE A 110 21.77 -3.59 14.85
CA ILE A 110 20.57 -3.37 15.61
C ILE A 110 19.43 -2.82 14.71
N ASP A 111 19.76 -2.15 13.64
CA ASP A 111 18.77 -1.36 12.88
C ASP A 111 18.61 -1.85 11.48
N GLU A 112 17.66 -2.73 11.16
CA GLU A 112 17.56 -3.29 9.81
C GLU A 112 17.33 -2.24 8.73
N THR A 113 16.77 -1.11 9.13
CA THR A 113 16.60 0.04 8.20
C THR A 113 17.91 0.45 7.59
N VAL A 114 18.97 0.39 8.42
CA VAL A 114 20.29 0.77 7.91
C VAL A 114 20.68 -0.17 6.75
N ILE A 115 20.51 -1.48 6.94
CA ILE A 115 20.79 -2.45 5.84
C ILE A 115 20.01 -2.25 4.54
N GLU A 116 18.71 -2.12 4.67
CA GLU A 116 17.82 -1.99 3.55
C GLU A 116 18.11 -0.74 2.76
N VAL A 117 18.33 0.37 3.44
CA VAL A 117 18.70 1.67 2.85
C VAL A 117 20.00 1.52 2.14
N SER A 118 20.92 0.80 2.78
CA SER A 118 22.20 0.54 2.13
C SER A 118 22.11 -0.34 0.88
N LYS A 119 21.26 -1.35 0.91
CA LYS A 119 21.01 -2.17 -0.31
C LYS A 119 20.37 -1.43 -1.40
N ILE A 120 19.63 -0.40 -1.07
CA ILE A 120 18.93 0.37 -2.06
C ILE A 120 19.81 1.49 -2.58
N TYR A 121 20.37 2.24 -1.66
CA TYR A 121 21.06 3.51 -2.00
C TYR A 121 22.58 3.40 -2.11
N PHE A 122 23.16 2.37 -1.53
CA PHE A 122 24.64 2.26 -1.51
C PHE A 122 25.05 0.89 -2.08
N LYS A 123 24.69 0.65 -3.35
CA LYS A 123 24.92 -0.68 -3.93
C LYS A 123 26.39 -1.17 -3.99
N ASN A 124 27.35 -0.25 -4.09
CA ASN A 124 28.79 -0.65 -4.00
C ASN A 124 29.32 -0.82 -2.60
N ILE A 125 28.58 -0.44 -1.59
CA ILE A 125 28.99 -0.67 -0.22
C ILE A 125 28.32 -1.97 0.28
N SER A 126 27.07 -2.18 -0.16
CA SER A 126 26.20 -3.27 0.33
C SER A 126 26.20 -4.53 -0.56
N CYS A 127 27.03 -4.55 -1.61
CA CYS A 127 27.08 -5.67 -2.58
C CYS A 127 27.48 -7.04 -1.93
N GLY A 128 28.18 -7.02 -0.80
CA GLY A 128 28.58 -8.22 -0.11
C GLY A 128 27.44 -8.95 0.56
N TYR A 129 26.27 -8.32 0.73
CA TYR A 129 25.16 -9.09 1.25
C TYR A 129 24.72 -10.21 0.24
N GLU A 130 25.08 -10.11 -1.04
CA GLU A 130 24.76 -11.20 -2.01
C GLU A 130 25.60 -12.45 -1.77
N ASP A 131 26.64 -12.33 -0.94
CA ASP A 131 27.60 -13.39 -0.80
C ASP A 131 26.99 -14.46 0.08
N LYS A 132 27.03 -15.69 -0.42
CA LYS A 132 26.38 -16.80 0.26
C LYS A 132 26.94 -17.03 1.64
N ARG A 133 28.13 -16.55 1.94
CA ARG A 133 28.65 -16.73 3.31
C ARG A 133 28.13 -15.76 4.38
N VAL A 134 27.43 -14.72 3.97
CA VAL A 134 26.99 -13.69 4.92
C VAL A 134 25.67 -14.02 5.59
N ASN A 135 25.64 -13.97 6.93
CA ASN A 135 24.42 -14.12 7.68
C ASN A 135 24.12 -12.89 8.53
N VAL A 136 22.89 -12.43 8.46
CA VAL A 136 22.47 -11.19 9.13
C VAL A 136 21.59 -11.43 10.35
N PHE A 137 21.90 -10.74 11.43
CA PHE A 137 21.20 -10.76 12.70
C PHE A 137 20.83 -9.33 13.06
N ILE A 138 19.54 -9.12 13.21
CA ILE A 138 19.06 -7.79 13.53
C ILE A 138 18.80 -7.79 14.98
N GLU A 139 19.73 -7.23 15.78
CA GLU A 139 19.69 -7.23 17.24
C GLU A 139 20.77 -6.28 17.85
N ASP A 140 20.59 -5.88 19.10
CA ASP A 140 21.59 -5.16 19.88
C ASP A 140 22.80 -6.10 20.07
N ALA A 141 23.98 -5.70 19.63
CA ALA A 141 25.15 -6.58 19.75
C ALA A 141 25.46 -6.92 21.20
N SER A 142 25.07 -6.06 22.13
CA SER A 142 25.28 -6.30 23.50
C SER A 142 24.55 -7.62 23.90
N LYS A 143 23.41 -7.83 23.25
CA LYS A 143 22.60 -9.06 23.52
C LYS A 143 23.07 -10.26 22.69
N PHE A 144 23.31 -10.05 21.40
CA PHE A 144 23.88 -11.01 20.48
C PHE A 144 25.10 -11.65 21.12
N LEU A 145 26.01 -10.82 21.67
CA LEU A 145 27.24 -11.37 22.21
C LEU A 145 27.03 -12.03 23.58
N GLU A 146 25.94 -11.74 24.24
CA GLU A 146 25.63 -12.46 25.44
C GLU A 146 25.19 -13.88 24.99
N ASN A 147 24.60 -14.02 23.81
CA ASN A 147 23.98 -15.29 23.39
C ASN A 147 24.61 -16.14 22.34
N VAL A 148 25.62 -15.65 21.67
CA VAL A 148 26.06 -16.37 20.48
C VAL A 148 26.87 -17.58 20.97
N THR A 149 26.76 -18.72 20.30
CA THR A 149 27.45 -19.95 20.80
C THR A 149 28.79 -20.08 20.14
N ASN A 150 28.95 -19.59 18.93
CA ASN A 150 30.15 -19.65 18.16
C ASN A 150 31.17 -18.63 18.78
N THR A 151 32.43 -18.86 18.51
CA THR A 151 33.47 -17.89 18.82
C THR A 151 34.01 -17.50 17.48
N TYR A 152 34.61 -16.32 17.48
CA TYR A 152 35.09 -15.75 16.23
C TYR A 152 36.58 -15.56 16.27
N ASP A 153 37.14 -15.59 15.07
CA ASP A 153 38.56 -15.32 14.86
C ASP A 153 38.76 -13.78 14.95
N VAL A 154 37.82 -13.02 14.38
CA VAL A 154 37.91 -11.58 14.51
C VAL A 154 36.54 -11.03 14.77
N ILE A 155 36.47 -10.00 15.63
CA ILE A 155 35.30 -9.17 15.82
C ILE A 155 35.63 -7.72 15.50
N ILE A 156 34.89 -7.14 14.56
CA ILE A 156 35.10 -5.77 14.11
C ILE A 156 33.89 -5.01 14.65
N VAL A 157 34.10 -4.05 15.58
CA VAL A 157 33.02 -3.30 16.18
C VAL A 157 32.97 -1.98 15.42
N ASP A 158 32.11 -1.95 14.42
CA ASP A 158 31.83 -0.83 13.55
C ASP A 158 30.57 -0.11 14.06
N SER A 159 30.70 0.54 15.20
CA SER A 159 29.59 1.18 15.86
C SER A 159 29.55 2.66 15.58
N SER A 160 28.37 3.21 15.76
CA SER A 160 28.22 4.66 15.92
C SER A 160 28.76 5.14 17.32
N ASP A 161 28.56 6.41 17.63
CA ASP A 161 28.99 6.99 18.89
C ASP A 161 28.24 6.55 20.13
N PRO A 162 28.82 6.82 21.34
CA PRO A 162 28.17 6.44 22.59
C PRO A 162 26.83 7.00 22.90
N ILE A 163 26.44 8.11 22.27
CA ILE A 163 25.10 8.60 22.39
C ILE A 163 24.23 7.99 21.31
N GLY A 164 23.19 7.29 21.77
CA GLY A 164 22.33 6.51 20.89
C GLY A 164 22.46 5.00 21.24
N PRO A 165 22.02 4.13 20.32
CA PRO A 165 22.01 2.68 20.65
C PRO A 165 23.39 2.08 20.88
N ALA A 166 24.45 2.74 20.41
CA ALA A 166 25.77 2.26 20.69
C ALA A 166 26.24 2.48 22.10
N GLU A 167 25.40 3.06 22.93
CA GLU A 167 25.74 3.30 24.33
C GLU A 167 26.17 2.01 25.07
N THR A 168 25.52 0.89 24.74
CA THR A 168 25.78 -0.37 25.31
C THR A 168 27.10 -0.96 24.84
N LEU A 169 27.78 -0.36 23.88
CA LEU A 169 28.98 -0.92 23.32
C LEU A 169 30.29 -0.28 23.95
N PHE A 170 30.16 0.74 24.81
CA PHE A 170 31.33 1.51 25.29
C PHE A 170 31.35 1.41 26.79
N ASN A 171 31.57 0.21 27.30
CA ASN A 171 31.58 -0.01 28.74
C ASN A 171 32.35 -1.30 28.98
N GLN A 172 32.82 -1.45 30.21
CA GLN A 172 33.61 -2.58 30.64
C GLN A 172 32.90 -3.93 30.34
N ASN A 173 31.63 -4.01 30.67
CA ASN A 173 30.79 -5.19 30.32
C ASN A 173 30.85 -5.67 28.83
N PHE A 174 30.83 -4.74 27.87
CA PHE A 174 30.79 -5.08 26.47
C PHE A 174 32.12 -5.69 26.13
N TYR A 175 33.22 -5.16 26.73
CA TYR A 175 34.55 -5.69 26.43
C TYR A 175 34.77 -7.12 27.01
N GLU A 176 34.13 -7.38 28.13
CA GLU A 176 34.09 -8.78 28.66
C GLU A 176 33.42 -9.70 27.64
N LYS A 177 32.27 -9.28 27.13
CA LYS A 177 31.58 -10.08 26.11
C LYS A 177 32.35 -10.31 24.88
N ILE A 178 33.10 -9.30 24.46
CA ILE A 178 33.87 -9.46 23.28
C ILE A 178 35.00 -10.54 23.48
N TYR A 179 35.68 -10.35 24.59
CA TYR A 179 36.78 -11.25 25.00
C TYR A 179 36.25 -12.71 24.99
N ASN A 180 35.14 -12.94 25.66
CA ASN A 180 34.46 -14.28 25.67
C ASN A 180 34.07 -14.83 24.31
N ALA A 181 33.76 -13.94 23.36
CA ALA A 181 33.34 -14.40 22.08
C ALA A 181 34.37 -14.56 21.08
N LEU A 182 35.63 -14.31 21.45
CA LEU A 182 36.69 -14.46 20.54
C LEU A 182 37.43 -15.79 20.79
N LYS A 183 37.91 -16.40 19.74
CA LYS A 183 38.85 -17.56 19.83
C LYS A 183 40.08 -17.21 20.74
N PRO A 184 40.84 -18.22 21.14
CA PRO A 184 41.88 -17.86 22.13
C PRO A 184 42.93 -16.88 21.64
N ASN A 185 43.15 -16.87 20.33
CA ASN A 185 44.12 -16.04 19.62
C ASN A 185 43.36 -15.07 18.73
N GLY A 186 42.14 -14.75 19.15
CA GLY A 186 41.25 -13.91 18.38
C GLY A 186 41.53 -12.45 18.69
N TYR A 187 41.05 -11.62 17.80
CA TYR A 187 41.29 -10.19 17.93
C TYR A 187 39.99 -9.44 17.82
N CYS A 188 39.97 -8.25 18.41
CA CYS A 188 38.86 -7.34 18.23
C CYS A 188 39.41 -5.95 17.91
N VAL A 189 38.79 -5.30 16.94
CA VAL A 189 39.07 -3.86 16.68
C VAL A 189 37.76 -3.15 16.82
N ALA A 190 37.81 -1.94 17.39
CA ALA A 190 36.62 -1.20 17.58
C ALA A 190 36.82 0.25 17.29
N GLN A 191 35.76 0.89 16.87
CA GLN A 191 35.82 2.34 16.62
C GLN A 191 35.99 3.02 17.96
N CYS A 192 36.97 3.92 18.09
CA CYS A 192 37.28 4.40 19.43
C CYS A 192 37.67 5.88 19.33
N GLU A 193 36.90 6.58 18.55
CA GLU A 193 36.76 8.02 18.66
C GLU A 193 38.04 8.80 18.31
N SER A 194 38.00 10.12 18.58
CA SER A 194 39.05 10.99 18.12
C SER A 194 40.01 11.42 19.21
N LEU A 195 41.30 11.29 18.91
CA LEU A 195 42.31 11.61 19.91
C LEU A 195 42.36 13.12 20.26
N TRP A 196 41.80 13.93 19.35
CA TRP A 196 41.89 15.40 19.59
C TRP A 196 40.94 15.91 20.66
N ILE A 197 39.84 15.18 20.89
CA ILE A 197 38.81 15.70 21.76
C ILE A 197 38.23 14.69 22.69
N HIS A 198 38.56 13.41 22.53
CA HIS A 198 37.88 12.38 23.29
C HIS A 198 38.87 11.60 24.15
N VAL A 199 39.89 12.29 24.67
CA VAL A 199 40.89 11.60 25.49
C VAL A 199 40.33 10.90 26.69
N GLY A 200 39.35 11.49 27.39
CA GLY A 200 38.67 10.84 28.52
C GLY A 200 38.05 9.49 28.15
N THR A 201 37.36 9.49 26.99
CA THR A 201 36.78 8.28 26.44
C THR A 201 37.85 7.29 26.03
N ILE A 202 38.88 7.74 25.35
CA ILE A 202 39.92 6.84 24.94
C ILE A 202 40.59 6.14 26.12
N LYS A 203 40.81 6.90 27.21
CA LYS A 203 41.39 6.36 28.44
C LYS A 203 40.48 5.39 29.10
N ASN A 204 39.22 5.74 29.18
CA ASN A 204 38.23 4.79 29.68
C ASN A 204 38.22 3.48 28.89
N MET A 205 38.14 3.56 27.56
CA MET A 205 38.03 2.35 26.74
C MET A 205 39.27 1.54 26.82
N ILE A 206 40.39 2.22 26.78
CA ILE A 206 41.64 1.49 26.96
C ILE A 206 41.71 0.78 28.28
N GLY A 207 41.25 1.40 29.36
CA GLY A 207 41.31 0.78 30.69
C GLY A 207 40.35 -0.38 30.76
N TYR A 208 39.20 -0.25 30.10
CA TYR A 208 38.28 -1.36 29.94
C TYR A 208 38.93 -2.49 29.22
N ALA A 209 39.61 -2.24 28.11
CA ALA A 209 40.17 -3.32 27.34
C ALA A 209 41.36 -3.99 28.05
N LYS A 210 42.17 -3.19 28.69
CA LYS A 210 43.33 -3.65 29.45
C LYS A 210 42.92 -4.46 30.64
N LYS A 211 41.73 -4.31 31.19
CA LYS A 211 41.34 -5.21 32.26
C LYS A 211 41.21 -6.69 31.84
N LEU A 212 41.27 -7.00 30.54
CA LEU A 212 40.97 -8.34 30.00
C LEU A 212 41.98 -8.82 29.04
N PHE A 213 42.38 -7.94 28.16
CA PHE A 213 43.26 -8.27 27.09
C PHE A 213 44.67 -8.00 27.55
N LYS A 214 45.60 -8.82 27.08
CA LYS A 214 46.95 -8.60 27.49
C LYS A 214 47.66 -7.60 26.60
N LYS A 215 47.16 -7.34 25.37
CA LYS A 215 47.66 -6.22 24.63
C LYS A 215 46.57 -5.36 24.02
N VAL A 216 46.61 -4.09 24.40
CA VAL A 216 45.67 -3.11 23.93
C VAL A 216 46.45 -1.95 23.33
N GLU A 217 46.14 -1.65 22.07
CA GLU A 217 46.84 -0.72 21.26
C GLU A 217 45.75 0.19 20.68
N TYR A 218 46.19 1.32 20.13
CA TYR A 218 45.27 2.30 19.59
C TYR A 218 45.93 2.80 18.34
N ALA A 219 45.18 2.85 17.23
CA ALA A 219 45.64 3.23 15.96
C ALA A 219 44.80 4.38 15.51
N ASN A 220 45.28 5.14 14.52
CA ASN A 220 44.52 6.33 14.15
C ASN A 220 44.37 6.29 12.63
N ILE A 221 43.20 6.67 12.16
CA ILE A 221 42.90 6.71 10.67
C ILE A 221 42.58 8.12 10.28
N SER A 222 43.07 8.55 9.12
CA SER A 222 42.67 9.81 8.58
C SER A 222 41.40 9.52 7.75
N ILE A 223 40.37 10.26 8.12
CA ILE A 223 39.15 10.24 7.40
C ILE A 223 38.38 11.51 7.65
N PRO A 224 38.10 12.20 6.57
CA PRO A 224 37.75 13.62 6.76
C PRO A 224 36.38 13.86 7.31
N THR A 225 35.48 12.88 7.12
CA THR A 225 34.09 13.08 7.52
C THR A 225 33.72 12.51 8.85
N TYR A 226 34.69 12.12 9.67
CA TYR A 226 34.46 11.99 11.04
C TYR A 226 35.10 13.19 11.81
N PRO A 227 34.59 13.49 12.99
CA PRO A 227 34.98 14.76 13.69
C PRO A 227 36.45 14.81 14.03
N CYS A 228 37.05 15.95 13.75
CA CYS A 228 38.49 16.14 13.90
C CYS A 228 39.30 15.47 12.80
N GLY A 229 38.61 14.87 11.82
CA GLY A 229 39.22 14.21 10.66
C GLY A 229 40.01 12.94 10.93
N CYS A 230 39.74 12.31 12.04
CA CYS A 230 40.39 11.08 12.34
C CYS A 230 39.45 10.25 13.25
N ILE A 231 39.71 8.95 13.22
CA ILE A 231 39.03 8.07 14.11
C ILE A 231 40.00 7.00 14.52
N GLY A 232 39.90 6.60 15.76
CA GLY A 232 40.78 5.64 16.27
C GLY A 232 40.18 4.25 16.25
N ILE A 233 41.09 3.31 16.27
CA ILE A 233 40.80 1.88 16.33
C ILE A 233 41.39 1.40 17.60
N LEU A 234 40.55 1.06 18.51
CA LEU A 234 40.93 0.35 19.71
C LEU A 234 41.18 -1.14 19.36
N CYS A 235 42.34 -1.64 19.77
CA CYS A 235 42.86 -2.84 19.12
C CYS A 235 43.23 -3.77 20.22
N CYS A 236 42.50 -4.90 20.30
CA CYS A 236 42.54 -5.78 21.43
C CYS A 236 43.02 -7.18 21.00
N SER A 237 44.09 -7.62 21.67
CA SER A 237 44.77 -8.83 21.33
C SER A 237 44.89 -9.63 22.60
N LYS A 238 44.70 -10.95 22.44
CA LYS A 238 44.78 -11.84 23.59
C LYS A 238 46.22 -12.32 23.75
N THR A 239 46.99 -12.22 22.68
CA THR A 239 48.39 -12.51 22.79
C THR A 239 49.19 -11.23 22.88
N ASP A 240 50.40 -11.45 23.37
CA ASP A 240 51.31 -10.42 23.80
C ASP A 240 51.71 -9.60 22.59
N THR A 241 51.68 -10.24 21.43
CA THR A 241 52.09 -9.73 20.13
C THR A 241 51.25 -8.61 19.43
N GLY A 242 49.97 -8.49 19.72
CA GLY A 242 49.17 -7.35 19.22
C GLY A 242 48.89 -7.26 17.74
N LEU A 243 48.43 -6.08 17.33
CA LEU A 243 47.82 -5.90 16.00
C LEU A 243 48.58 -4.95 15.12
N THR A 244 49.82 -4.58 15.55
CA THR A 244 50.61 -3.58 14.79
C THR A 244 51.33 -4.10 13.57
N LYS A 245 51.56 -5.42 13.49
CA LYS A 245 52.30 -5.96 12.34
C LYS A 245 51.51 -6.98 11.48
N PRO A 246 51.18 -6.66 10.24
CA PRO A 246 50.50 -7.67 9.43
C PRO A 246 51.33 -8.97 9.25
N ASN A 247 50.60 -10.10 9.16
CA ASN A 247 51.10 -11.47 8.82
C ASN A 247 50.98 -11.90 7.40
N LYS A 248 50.45 -11.06 6.55
CA LYS A 248 50.38 -11.31 5.13
C LYS A 248 50.20 -10.03 4.42
N LYS A 249 50.37 -10.13 3.10
CA LYS A 249 50.07 -9.10 2.14
C LYS A 249 48.91 -9.48 1.23
N LEU A 250 48.16 -8.49 0.85
CA LEU A 250 47.00 -8.72 0.04
C LEU A 250 47.30 -8.59 -1.42
N GLU A 251 47.58 -9.73 -2.07
CA GLU A 251 48.03 -9.75 -3.47
C GLU A 251 47.09 -10.36 -4.52
N SER A 252 46.06 -11.11 -4.15
CA SER A 252 45.13 -11.70 -5.13
C SER A 252 44.28 -10.67 -5.80
N LYS A 253 43.66 -11.07 -6.90
CA LYS A 253 42.95 -10.14 -7.77
C LYS A 253 41.80 -9.38 -7.04
N GLU A 254 41.26 -9.98 -5.97
CA GLU A 254 40.15 -9.41 -5.15
C GLU A 254 40.57 -8.09 -4.42
N PHE A 255 41.88 -7.93 -4.20
CA PHE A 255 42.44 -6.77 -3.46
C PHE A 255 43.13 -5.75 -4.35
N ALA A 256 43.12 -5.95 -5.65
CA ALA A 256 43.71 -4.99 -6.53
C ALA A 256 43.03 -3.62 -6.41
N ASP A 257 41.81 -3.61 -5.88
CA ASP A 257 40.98 -2.43 -5.82
C ASP A 257 41.24 -1.56 -4.56
N LEU A 258 42.11 -1.98 -3.66
CA LEU A 258 42.25 -1.30 -2.35
C LEU A 258 42.73 0.14 -2.50
N LYS A 259 42.15 1.02 -1.70
CA LYS A 259 42.36 2.45 -1.85
C LYS A 259 43.08 3.16 -0.66
N TYR A 260 43.16 2.56 0.50
CA TYR A 260 43.83 3.11 1.66
C TYR A 260 44.81 2.13 2.25
N TYR A 261 44.35 0.98 2.66
CA TYR A 261 45.19 0.05 3.33
C TYR A 261 46.33 -0.44 2.46
N ASN A 262 47.46 -0.53 3.13
CA ASN A 262 48.59 -1.38 2.65
C ASN A 262 49.43 -1.79 3.79
N TYR A 263 50.41 -2.64 3.51
CA TYR A 263 51.17 -3.30 4.51
C TYR A 263 51.89 -2.27 5.47
N GLU A 264 52.45 -1.23 4.91
CA GLU A 264 53.24 -0.24 5.76
C GLU A 264 52.35 0.68 6.63
N ASN A 265 51.24 1.12 6.03
CA ASN A 265 50.44 2.12 6.72
C ASN A 265 49.59 1.41 7.74
N HIS A 266 49.48 0.09 7.60
CA HIS A 266 49.05 -0.69 8.76
C HIS A 266 49.81 -0.41 10.08
N SER A 267 51.14 -0.55 10.10
CA SER A 267 51.84 -0.33 11.36
CA SER A 267 51.86 -0.31 11.37
C SER A 267 51.98 1.18 11.65
N ALA A 268 51.97 2.00 10.61
CA ALA A 268 52.12 3.45 10.84
C ALA A 268 51.00 4.02 11.70
N ALA A 269 49.82 3.42 11.54
CA ALA A 269 48.62 3.95 12.13
C ALA A 269 48.75 3.92 13.61
N PHE A 270 49.67 3.07 14.14
CA PHE A 270 49.82 2.93 15.58
C PHE A 270 50.86 3.91 16.23
N LYS A 271 51.48 4.74 15.42
CA LYS A 271 52.49 5.69 15.99
C LYS A 271 51.71 6.97 16.35
N LEU A 272 51.42 7.20 17.61
CA LEU A 272 50.49 8.20 18.06
C LEU A 272 51.18 9.49 18.55
N PRO A 273 50.39 10.55 18.65
CA PRO A 273 50.98 11.81 19.15
C PRO A 273 51.44 11.75 20.57
N ALA A 274 52.52 12.50 20.87
CA ALA A 274 53.15 12.48 22.19
C ALA A 274 52.23 12.67 23.35
N PHE A 275 51.31 13.61 23.23
CA PHE A 275 50.48 13.91 24.33
C PHE A 275 49.55 12.74 24.66
N LEU A 276 49.14 12.03 23.60
CA LEU A 276 48.19 10.86 23.74
C LEU A 276 48.92 9.75 24.54
N LEU A 277 50.15 9.44 24.13
CA LEU A 277 51.03 8.49 24.88
C LEU A 277 51.21 8.83 26.29
N LYS A 278 51.33 10.12 26.58
CA LYS A 278 51.49 10.50 27.97
C LYS A 278 50.20 10.36 28.75
N GLU A 279 49.05 10.64 28.15
CA GLU A 279 47.82 10.49 28.87
C GLU A 279 47.44 9.06 29.26
N ILE A 280 47.91 8.15 28.47
CA ILE A 280 47.44 6.80 28.60
C ILE A 280 48.48 5.92 29.23
N GLU A 281 49.63 6.51 29.60
CA GLU A 281 50.77 5.68 30.01
C GLU A 281 50.52 5.04 31.38
N ASN A 282 49.75 5.66 32.28
CA ASN A 282 49.56 5.13 33.64
C ASN A 282 48.24 4.35 33.86
N ILE A 283 47.57 4.01 32.75
CA ILE A 283 46.35 3.23 32.75
C ILE A 283 46.84 1.78 32.82
N LYS B 3 6.30 15.89 -16.42
CA LYS B 3 5.64 15.02 -15.37
C LYS B 3 4.82 13.89 -15.96
N LYS B 4 5.12 12.63 -15.63
CA LYS B 4 4.59 11.53 -16.40
C LYS B 4 3.37 10.89 -15.68
N TRP B 5 2.72 9.98 -16.39
CA TRP B 5 1.67 9.15 -15.87
C TRP B 5 2.06 7.73 -15.87
N PHE B 6 1.64 7.01 -14.83
CA PHE B 6 1.72 5.60 -14.91
C PHE B 6 0.40 5.03 -15.45
N SER B 7 0.42 4.11 -16.43
CA SER B 7 -0.81 3.53 -16.99
C SER B 7 -0.82 2.03 -16.83
N GLU B 8 -1.94 1.49 -16.40
CA GLU B 8 -2.00 0.10 -16.12
C GLU B 8 -2.74 -0.62 -17.28
N PHE B 9 -2.05 -1.16 -18.27
CA PHE B 9 -2.67 -1.81 -19.47
C PHE B 9 -2.39 -3.26 -19.23
N SER B 10 -3.29 -4.16 -19.55
CA SER B 10 -3.15 -5.61 -19.39
C SER B 10 -4.06 -6.45 -20.32
N ILE B 11 -3.51 -7.52 -20.88
CA ILE B 11 -4.31 -8.47 -21.66
C ILE B 11 -5.40 -9.05 -20.74
N MET B 12 -5.22 -8.89 -19.41
CA MET B 12 -6.26 -9.28 -18.47
C MET B 12 -7.47 -8.37 -18.44
N TRP B 13 -7.35 -7.16 -18.96
CA TRP B 13 -8.46 -6.26 -18.99
C TRP B 13 -8.38 -5.48 -20.28
N PRO B 14 -8.56 -6.21 -21.39
CA PRO B 14 -8.34 -5.59 -22.70
C PRO B 14 -9.31 -4.53 -22.92
N GLY B 15 -8.83 -3.51 -23.59
CA GLY B 15 -9.63 -2.38 -23.98
C GLY B 15 -9.87 -1.35 -22.94
N GLN B 16 -9.28 -1.47 -21.73
CA GLN B 16 -9.41 -0.46 -20.69
C GLN B 16 -8.11 -0.22 -19.97
N ALA B 17 -7.95 0.97 -19.36
CA ALA B 17 -6.75 1.24 -18.52
C ALA B 17 -6.99 2.28 -17.49
N PHE B 18 -6.33 2.17 -16.31
CA PHE B 18 -6.36 3.24 -15.30
C PHE B 18 -4.96 3.87 -15.20
N SER B 19 -4.87 5.19 -15.12
CA SER B 19 -3.61 5.91 -15.00
C SER B 19 -3.53 6.80 -13.72
N LEU B 20 -2.33 6.93 -13.17
CA LEU B 20 -2.03 7.80 -12.02
C LEU B 20 -0.84 8.67 -12.36
N LYS B 21 -0.96 9.94 -12.09
CA LYS B 21 0.07 10.90 -12.34
C LYS B 21 1.19 10.72 -11.34
N ILE B 22 2.42 10.73 -11.85
CA ILE B 22 3.61 10.43 -10.99
C ILE B 22 4.25 11.69 -10.41
N LYS B 23 4.36 11.83 -9.07
CA LYS B 23 5.10 12.95 -8.42
C LYS B 23 6.59 12.61 -8.47
N LYS B 24 6.93 11.39 -8.07
CA LYS B 24 8.32 10.97 -8.23
C LYS B 24 8.46 9.50 -8.14
N ILE B 25 9.39 8.94 -8.89
CA ILE B 25 9.71 7.53 -8.81
C ILE B 25 10.60 7.34 -7.61
N LEU B 26 10.29 6.35 -6.76
CA LEU B 26 11.04 6.17 -5.58
C LEU B 26 12.01 5.02 -5.68
N TYR B 27 11.64 3.96 -6.41
CA TYR B 27 12.39 2.74 -6.49
C TYR B 27 11.91 1.92 -7.67
N GLU B 28 12.80 1.30 -8.42
CA GLU B 28 12.45 0.34 -9.48
C GLU B 28 13.52 -0.72 -9.46
N THR B 29 13.17 -1.97 -9.59
CA THR B 29 14.14 -3.01 -9.68
C THR B 29 13.44 -4.21 -10.23
N LYS B 30 14.20 -5.14 -10.73
CA LYS B 30 13.68 -6.42 -11.10
C LYS B 30 14.13 -7.36 -10.02
N SER B 31 13.21 -7.90 -9.25
CA SER B 31 13.56 -8.96 -8.35
C SER B 31 13.73 -10.29 -9.11
N LYS B 32 14.01 -11.34 -8.37
CA LYS B 32 14.09 -12.66 -8.94
C LYS B 32 12.76 -13.05 -9.59
N TYR B 33 11.66 -12.44 -9.13
CA TYR B 33 10.34 -12.87 -9.54
C TYR B 33 9.55 -11.91 -10.36
N GLN B 34 9.73 -10.61 -10.17
CA GLN B 34 8.88 -9.67 -10.88
C GLN B 34 9.48 -8.31 -10.95
N ASN B 35 8.95 -7.50 -11.80
CA ASN B 35 9.33 -6.10 -11.86
C ASN B 35 8.64 -5.30 -10.77
N VAL B 36 9.39 -4.55 -10.01
CA VAL B 36 8.94 -3.82 -8.84
C VAL B 36 9.11 -2.36 -9.09
N LEU B 37 8.04 -1.58 -8.91
CA LEU B 37 8.08 -0.17 -9.05
C LEU B 37 7.40 0.47 -7.89
N VAL B 38 8.02 1.49 -7.31
CA VAL B 38 7.42 2.30 -6.28
C VAL B 38 7.47 3.74 -6.71
N PHE B 39 6.37 4.43 -6.56
CA PHE B 39 6.35 5.81 -6.91
C PHE B 39 5.44 6.59 -6.01
N GLU B 40 5.71 7.87 -5.87
CA GLU B 40 4.81 8.79 -5.18
C GLU B 40 3.93 9.34 -6.25
N SER B 41 2.63 9.00 -6.19
CA SER B 41 1.68 9.64 -7.05
C SER B 41 1.39 11.03 -6.50
N THR B 42 0.74 11.82 -7.31
CA THR B 42 0.40 13.18 -6.93
C THR B 42 -0.78 13.22 -5.97
N THR B 43 -1.71 12.27 -6.08
CA THR B 43 -2.95 12.40 -5.28
C THR B 43 -3.30 11.16 -4.58
N TYR B 44 -2.63 10.07 -4.81
CA TYR B 44 -2.94 8.80 -4.15
C TYR B 44 -1.84 8.35 -3.18
N GLY B 45 -0.92 9.26 -2.86
CA GLY B 45 0.31 8.92 -2.10
C GLY B 45 1.16 7.91 -2.81
N LYS B 46 1.96 7.23 -2.03
CA LYS B 46 2.84 6.23 -2.61
C LYS B 46 2.11 4.99 -3.20
N VAL B 47 2.68 4.46 -4.27
CA VAL B 47 2.09 3.40 -5.10
C VAL B 47 3.07 2.28 -5.34
N LEU B 48 2.63 1.05 -5.08
CA LEU B 48 3.44 -0.13 -5.31
C LEU B 48 2.91 -0.89 -6.51
N VAL B 49 3.78 -1.14 -7.48
CA VAL B 49 3.47 -1.81 -8.80
C VAL B 49 4.34 -3.04 -9.02
N LEU B 50 3.73 -4.15 -9.36
CA LEU B 50 4.39 -5.38 -9.72
C LEU B 50 3.99 -5.83 -11.10
N ASP B 51 4.98 -6.13 -11.92
CA ASP B 51 4.71 -6.55 -13.34
C ASP B 51 3.68 -5.67 -13.99
N GLY B 52 3.79 -4.36 -13.74
CA GLY B 52 2.97 -3.40 -14.41
C GLY B 52 1.56 -3.31 -13.90
N VAL B 53 1.31 -3.95 -12.77
CA VAL B 53 -0.05 -3.99 -12.20
C VAL B 53 0.02 -3.36 -10.82
N ILE B 54 -0.90 -2.42 -10.58
CA ILE B 54 -0.97 -1.71 -9.33
C ILE B 54 -1.32 -2.70 -8.23
N GLN B 55 -0.49 -2.76 -7.21
CA GLN B 55 -0.75 -3.57 -6.05
C GLN B 55 -1.36 -2.84 -4.87
N LEU B 56 -0.94 -1.61 -4.65
CA LEU B 56 -1.49 -0.76 -3.58
C LEU B 56 -1.14 0.70 -3.72
N THR B 57 -1.99 1.56 -3.17
CA THR B 57 -1.67 2.95 -2.99
C THR B 57 -1.92 3.25 -1.48
N GLU B 58 -1.29 4.28 -0.99
CA GLU B 58 -1.50 4.70 0.42
C GLU B 58 -2.93 5.26 0.63
N LYS B 59 -3.54 5.83 -0.39
CA LYS B 59 -4.79 6.54 -0.24
C LYS B 59 -5.90 5.52 0.09
N ASP B 60 -5.88 4.35 -0.55
CA ASP B 60 -7.05 3.41 -0.54
C ASP B 60 -6.74 2.01 -0.04
N GLU B 61 -5.51 1.73 0.31
CA GLU B 61 -5.10 0.37 0.73
C GLU B 61 -5.93 -0.19 1.85
N PHE B 62 -6.31 0.74 2.76
CA PHE B 62 -7.05 0.33 3.97
C PHE B 62 -8.32 -0.35 3.57
N ALA B 63 -8.92 -0.02 2.40
CA ALA B 63 -10.21 -0.67 2.00
C ALA B 63 -10.02 -2.20 1.80
N TYR B 64 -9.00 -2.50 1.00
CA TYR B 64 -8.68 -3.89 0.72
C TYR B 64 -8.14 -4.58 1.96
N HIS B 65 -7.19 -3.92 2.65
CA HIS B 65 -6.57 -4.63 3.80
C HIS B 65 -7.53 -4.85 4.94
N GLU B 66 -8.37 -3.86 5.15
CA GLU B 66 -9.39 -4.00 6.22
C GLU B 66 -10.42 -5.02 5.85
N MET B 67 -10.95 -5.02 4.64
CA MET B 67 -12.01 -6.00 4.31
C MET B 67 -11.48 -7.39 4.25
N MET B 68 -10.30 -7.54 3.66
CA MET B 68 -9.73 -8.83 3.53
C MET B 68 -9.40 -9.41 4.89
N THR B 69 -9.06 -8.58 5.84
CA THR B 69 -8.71 -9.07 7.19
C THR B 69 -9.87 -9.20 8.14
N HIS B 70 -10.68 -8.14 8.27
CA HIS B 70 -11.67 -8.10 9.30
C HIS B 70 -12.91 -8.90 8.94
N VAL B 71 -13.11 -9.27 7.69
CA VAL B 71 -14.19 -10.17 7.28
C VAL B 71 -13.95 -11.54 7.86
N PRO B 72 -12.81 -12.18 7.56
CA PRO B 72 -12.63 -13.48 8.27
C PRO B 72 -12.35 -13.32 9.77
N MET B 73 -11.63 -12.28 10.22
CA MET B 73 -11.20 -12.26 11.64
C MET B 73 -12.28 -11.85 12.57
N THR B 74 -13.39 -11.31 12.06
CA THR B 74 -14.55 -11.12 12.91
C THR B 74 -15.50 -12.29 12.92
N VAL B 75 -15.26 -13.32 12.10
CA VAL B 75 -16.10 -14.50 11.98
C VAL B 75 -15.41 -15.61 12.78
N SER B 76 -14.12 -15.81 12.50
CA SER B 76 -13.34 -16.77 13.22
C SER B 76 -13.35 -16.37 14.73
N LYS B 77 -13.48 -17.35 15.57
CA LYS B 77 -13.49 -17.01 17.02
C LYS B 77 -12.16 -17.47 17.61
N GLU B 78 -11.53 -16.56 18.27
CA GLU B 78 -10.27 -16.86 18.90
C GLU B 78 -9.28 -17.55 17.94
N PRO B 79 -9.09 -17.01 16.74
CA PRO B 79 -8.02 -17.44 15.81
C PRO B 79 -6.66 -17.30 16.55
N LYS B 80 -5.88 -18.38 16.53
CA LYS B 80 -4.58 -18.36 17.15
C LYS B 80 -3.49 -18.32 16.11
N ASN B 81 -3.73 -18.94 14.93
CA ASN B 81 -2.77 -19.05 13.87
C ASN B 81 -3.37 -18.53 12.55
N VAL B 82 -2.75 -17.51 11.99
CA VAL B 82 -3.27 -16.99 10.77
C VAL B 82 -2.11 -16.99 9.80
N LEU B 83 -2.38 -17.29 8.52
CA LEU B 83 -1.42 -17.20 7.48
C LEU B 83 -1.85 -16.17 6.51
N VAL B 84 -0.92 -15.35 6.15
CA VAL B 84 -1.05 -14.51 4.94
C VAL B 84 -0.24 -15.17 3.83
N VAL B 85 -0.89 -15.39 2.67
CA VAL B 85 -0.26 -15.80 1.43
C VAL B 85 -0.06 -14.58 0.65
N GLY B 86 1.17 -14.37 0.16
CA GLY B 86 1.51 -13.16 -0.52
C GLY B 86 1.60 -12.02 0.52
N GLY B 87 1.02 -10.86 0.24
CA GLY B 87 0.92 -9.84 1.31
C GLY B 87 2.23 -9.20 1.82
N GLY B 88 3.27 -9.20 1.01
CA GLY B 88 4.58 -8.76 1.46
C GLY B 88 4.60 -7.33 1.99
N ASP B 89 3.65 -6.52 1.52
CA ASP B 89 3.60 -5.14 1.93
C ASP B 89 3.32 -5.01 3.40
N GLY B 90 2.62 -6.01 3.94
CA GLY B 90 2.33 -5.99 5.37
C GLY B 90 0.99 -5.47 5.83
N GLY B 91 0.16 -5.04 4.90
CA GLY B 91 -1.11 -4.41 5.23
C GLY B 91 -2.00 -5.35 5.97
N ILE B 92 -2.04 -6.58 5.46
CA ILE B 92 -2.81 -7.60 6.15
C ILE B 92 -2.24 -7.79 7.58
N ILE B 93 -0.93 -7.96 7.69
CA ILE B 93 -0.30 -8.09 9.08
C ILE B 93 -0.69 -6.94 10.01
N ARG B 94 -0.69 -5.73 9.50
CA ARG B 94 -0.99 -4.59 10.30
C ARG B 94 -2.33 -4.73 10.90
N GLU B 95 -3.29 -5.12 10.05
CA GLU B 95 -4.63 -5.33 10.54
C GLU B 95 -4.70 -6.49 11.47
N LEU B 96 -3.94 -7.54 11.17
CA LEU B 96 -4.01 -8.69 12.09
C LEU B 96 -3.42 -8.39 13.49
N CYS B 97 -2.41 -7.54 13.60
CA CYS B 97 -1.73 -7.24 14.89
C CYS B 97 -2.69 -6.63 15.89
N LYS B 98 -3.79 -6.11 15.38
CA LYS B 98 -4.75 -5.42 16.23
C LYS B 98 -5.48 -6.43 17.11
N TYR B 99 -5.43 -7.72 16.72
CA TYR B 99 -6.10 -8.76 17.45
C TYR B 99 -5.11 -9.28 18.49
N LYS B 100 -5.32 -8.87 19.75
CA LYS B 100 -4.39 -9.26 20.81
C LYS B 100 -4.32 -10.80 21.12
N SER B 101 -5.41 -11.53 20.85
CA SER B 101 -5.67 -13.02 20.86
C SER B 101 -4.77 -13.83 19.95
N VAL B 102 -4.39 -13.28 18.80
CA VAL B 102 -3.63 -14.09 17.86
C VAL B 102 -2.24 -14.32 18.45
N GLU B 103 -1.73 -15.54 18.27
CA GLU B 103 -0.43 -15.96 18.84
C GLU B 103 0.61 -15.86 17.79
N ASN B 104 0.28 -16.34 16.56
CA ASN B 104 1.24 -16.45 15.49
C ASN B 104 0.66 -15.92 14.18
N ILE B 105 1.35 -15.02 13.58
CA ILE B 105 0.95 -14.50 12.27
C ILE B 105 2.06 -14.93 11.35
N ASP B 106 1.81 -15.92 10.53
CA ASP B 106 2.79 -16.38 9.57
C ASP B 106 2.51 -15.74 8.26
N ILE B 107 3.53 -15.33 7.55
CA ILE B 107 3.34 -14.83 6.24
C ILE B 107 4.29 -15.51 5.27
N CYS B 108 3.74 -15.94 4.11
CA CYS B 108 4.47 -16.62 3.07
C CYS B 108 4.44 -15.81 1.79
N GLU B 109 5.54 -15.12 1.60
CA GLU B 109 5.66 -14.15 0.51
C GLU B 109 6.80 -14.69 -0.34
N ILE B 110 6.61 -14.70 -1.66
CA ILE B 110 7.57 -15.33 -2.61
C ILE B 110 8.74 -14.40 -2.79
N ASP B 111 8.49 -13.09 -2.72
CA ASP B 111 9.45 -12.10 -3.10
C ASP B 111 9.85 -11.23 -1.95
N GLU B 112 11.04 -11.51 -1.40
CA GLU B 112 11.52 -10.76 -0.25
C GLU B 112 11.71 -9.27 -0.45
N THR B 113 12.00 -8.88 -1.66
CA THR B 113 12.18 -7.49 -2.04
C THR B 113 10.96 -6.69 -1.81
N VAL B 114 9.82 -7.34 -1.96
CA VAL B 114 8.57 -6.59 -1.74
C VAL B 114 8.46 -6.15 -0.25
N ILE B 115 8.85 -7.04 0.64
CA ILE B 115 8.86 -6.69 2.08
C ILE B 115 9.86 -5.59 2.38
N GLU B 116 11.05 -5.71 1.82
CA GLU B 116 12.06 -4.62 2.06
C GLU B 116 11.61 -3.24 1.64
N VAL B 117 11.07 -3.22 0.45
CA VAL B 117 10.55 -2.03 -0.14
C VAL B 117 9.38 -1.46 0.64
N SER B 118 8.55 -2.35 1.19
CA SER B 118 7.46 -1.90 2.04
CA SER B 118 7.44 -1.91 2.00
C SER B 118 7.92 -1.37 3.41
N LYS B 119 8.93 -2.03 4.04
CA LYS B 119 9.52 -1.43 5.24
C LYS B 119 10.16 0.00 5.03
N ILE B 120 10.69 0.20 3.90
CA ILE B 120 11.38 1.42 3.65
C ILE B 120 10.39 2.55 3.24
N TYR B 121 9.52 2.27 2.28
CA TYR B 121 8.68 3.23 1.66
C TYR B 121 7.24 3.22 2.13
N PHE B 122 6.79 2.21 2.88
CA PHE B 122 5.41 2.23 3.26
C PHE B 122 5.32 1.88 4.75
N LYS B 123 5.91 2.72 5.60
CA LYS B 123 6.04 2.46 7.02
C LYS B 123 4.76 2.34 7.71
N ASN B 124 3.75 3.07 7.25
CA ASN B 124 2.44 2.94 7.88
C ASN B 124 1.72 1.63 7.48
N ILE B 125 2.18 0.96 6.43
CA ILE B 125 1.66 -0.33 5.99
C ILE B 125 2.44 -1.52 6.58
N SER B 126 3.75 -1.38 6.65
CA SER B 126 4.69 -2.44 7.07
C SER B 126 5.02 -2.43 8.61
N CYS B 127 4.31 -1.62 9.41
CA CYS B 127 4.69 -1.41 10.83
C CYS B 127 4.50 -2.67 11.63
N GLY B 128 3.59 -3.54 11.20
CA GLY B 128 3.27 -4.76 11.95
C GLY B 128 4.40 -5.76 11.98
N TYR B 129 5.39 -5.59 11.09
CA TYR B 129 6.45 -6.54 11.07
C TYR B 129 7.28 -6.40 12.40
N GLU B 130 7.18 -5.28 13.11
CA GLU B 130 7.81 -5.13 14.46
C GLU B 130 7.17 -5.98 15.47
N ASP B 131 5.96 -6.44 15.21
CA ASP B 131 5.23 -7.24 16.20
C ASP B 131 5.93 -8.56 16.38
N LYS B 132 6.19 -8.92 17.65
CA LYS B 132 6.97 -10.12 17.94
C LYS B 132 6.25 -11.42 17.58
N ARG B 133 4.99 -11.38 17.24
CA ARG B 133 4.29 -12.63 16.82
C ARG B 133 4.38 -12.97 15.32
N VAL B 134 4.97 -12.08 14.58
CA VAL B 134 5.09 -12.20 13.08
C VAL B 134 6.27 -13.08 12.71
N ASN B 135 6.02 -14.13 11.89
CA ASN B 135 7.02 -15.00 11.39
C ASN B 135 6.99 -14.97 9.88
N VAL B 136 8.15 -14.68 9.31
CA VAL B 136 8.20 -14.38 7.87
C VAL B 136 8.78 -15.57 7.13
N PHE B 137 8.11 -16.05 6.09
CA PHE B 137 8.60 -17.11 5.25
C PHE B 137 8.71 -16.65 3.81
N ILE B 138 9.89 -16.86 3.26
CA ILE B 138 10.13 -16.44 1.90
C ILE B 138 10.06 -17.65 0.95
N GLU B 139 8.98 -17.86 0.22
CA GLU B 139 8.68 -19.12 -0.47
C GLU B 139 7.44 -18.99 -1.36
N ASP B 140 7.28 -19.85 -2.38
CA ASP B 140 6.10 -19.92 -3.19
C ASP B 140 5.06 -20.58 -2.27
N ALA B 141 3.96 -19.88 -2.07
CA ALA B 141 2.93 -20.39 -1.18
C ALA B 141 2.38 -21.73 -1.65
N SER B 142 2.40 -22.01 -2.96
CA SER B 142 1.98 -23.28 -3.49
C SER B 142 2.84 -24.38 -2.94
N LYS B 143 4.12 -24.07 -2.82
CA LYS B 143 5.05 -24.98 -2.19
C LYS B 143 4.89 -24.99 -0.66
N PHE B 144 4.84 -23.82 -0.03
CA PHE B 144 4.69 -23.70 1.44
C PHE B 144 3.54 -24.52 1.94
N LEU B 145 2.45 -24.48 1.18
CA LEU B 145 1.25 -25.15 1.54
C LEU B 145 1.19 -26.65 1.27
N GLU B 146 2.06 -27.19 0.49
CA GLU B 146 1.95 -28.65 0.29
C GLU B 146 2.41 -29.34 1.65
N ASN B 147 3.08 -28.58 2.47
CA ASN B 147 3.72 -29.05 3.67
C ASN B 147 2.91 -28.76 4.94
N VAL B 148 1.63 -28.41 4.72
CA VAL B 148 0.80 -27.98 5.83
C VAL B 148 -0.59 -28.57 5.82
N THR B 149 -0.97 -29.02 7.02
CA THR B 149 -2.28 -29.53 7.26
C THR B 149 -2.71 -29.07 8.63
N ASN B 150 -3.98 -28.71 8.68
CA ASN B 150 -4.64 -28.51 9.91
C ASN B 150 -3.99 -27.54 10.87
N THR B 151 -3.55 -26.43 10.34
CA THR B 151 -2.80 -25.48 11.09
C THR B 151 -3.52 -24.18 11.27
N TYR B 152 -4.12 -23.62 10.22
CA TYR B 152 -4.47 -22.17 10.27
C TYR B 152 -5.92 -22.02 10.51
N ASP B 153 -6.27 -21.07 11.35
CA ASP B 153 -7.63 -20.71 11.58
C ASP B 153 -8.14 -19.83 10.41
N VAL B 154 -7.29 -18.99 9.91
CA VAL B 154 -7.60 -18.10 8.76
C VAL B 154 -6.42 -18.09 7.88
N ILE B 155 -6.70 -18.21 6.57
CA ILE B 155 -5.71 -18.03 5.54
C ILE B 155 -6.24 -16.88 4.72
N ILE B 156 -5.39 -15.89 4.47
CA ILE B 156 -5.75 -14.74 3.71
C ILE B 156 -4.85 -14.72 2.53
N VAL B 157 -5.40 -14.98 1.31
CA VAL B 157 -4.61 -15.07 0.08
C VAL B 157 -4.63 -13.68 -0.56
N ASP B 158 -3.54 -12.96 -0.33
CA ASP B 158 -3.39 -11.62 -0.72
C ASP B 158 -2.39 -11.73 -1.87
N SER B 159 -2.88 -12.22 -3.01
CA SER B 159 -2.03 -12.53 -4.16
C SER B 159 -2.17 -11.43 -5.22
N SER B 160 -1.13 -11.33 -6.01
CA SER B 160 -1.22 -10.68 -7.33
C SER B 160 -2.13 -11.46 -8.31
N ASP B 161 -2.27 -10.95 -9.55
CA ASP B 161 -3.04 -11.59 -10.61
C ASP B 161 -2.47 -12.89 -11.14
N PRO B 162 -3.26 -13.67 -11.92
CA PRO B 162 -2.79 -14.99 -12.44
C PRO B 162 -1.59 -15.00 -13.36
N ILE B 163 -1.25 -13.86 -13.96
CA ILE B 163 -0.03 -13.74 -14.70
C ILE B 163 1.13 -13.28 -13.83
N GLY B 164 2.18 -14.12 -13.78
CA GLY B 164 3.39 -13.89 -12.93
C GLY B 164 3.38 -15.00 -11.82
N PRO B 165 4.09 -14.81 -10.69
CA PRO B 165 4.28 -15.89 -9.65
C PRO B 165 3.03 -16.36 -9.06
N ALA B 166 1.99 -15.56 -9.10
CA ALA B 166 0.69 -15.99 -8.60
C ALA B 166 -0.02 -17.08 -9.45
N GLU B 167 0.50 -17.43 -10.63
CA GLU B 167 -0.23 -18.42 -11.49
C GLU B 167 -0.53 -19.74 -10.75
N THR B 168 0.31 -20.07 -9.77
CA THR B 168 0.21 -21.33 -8.95
C THR B 168 -0.90 -21.27 -7.93
N LEU B 169 -1.46 -20.10 -7.77
CA LEU B 169 -2.49 -19.88 -6.77
C LEU B 169 -3.90 -19.82 -7.33
N PHE B 170 -4.04 -19.87 -8.65
CA PHE B 170 -5.36 -19.79 -9.32
C PHE B 170 -5.75 -21.10 -10.02
N ASN B 171 -5.67 -22.19 -9.30
CA ASN B 171 -5.97 -23.52 -9.88
C ASN B 171 -6.57 -24.40 -8.85
N GLN B 172 -7.11 -25.51 -9.30
CA GLN B 172 -7.79 -26.42 -8.42
C GLN B 172 -6.83 -26.94 -7.30
N ASN B 173 -5.60 -27.22 -7.68
CA ASN B 173 -4.66 -27.86 -6.80
C ASN B 173 -4.34 -26.92 -5.60
N PHE B 174 -4.20 -25.61 -5.89
CA PHE B 174 -4.01 -24.62 -4.82
C PHE B 174 -5.12 -24.66 -3.83
N TYR B 175 -6.36 -24.75 -4.28
CA TYR B 175 -7.48 -24.78 -3.40
C TYR B 175 -7.55 -26.04 -2.53
N GLU B 176 -7.12 -27.16 -3.11
CA GLU B 176 -6.98 -28.41 -2.33
C GLU B 176 -6.01 -28.17 -1.20
N LYS B 177 -4.91 -27.49 -1.48
CA LYS B 177 -3.87 -27.25 -0.47
C LYS B 177 -4.36 -26.31 0.66
N ILE B 178 -5.09 -25.26 0.29
CA ILE B 178 -5.70 -24.35 1.24
CA ILE B 178 -5.69 -24.35 1.26
C ILE B 178 -6.62 -25.12 2.13
N TYR B 179 -7.48 -25.91 1.49
CA TYR B 179 -8.46 -26.68 2.27
C TYR B 179 -7.75 -27.51 3.36
N ASN B 180 -6.75 -28.21 2.92
CA ASN B 180 -6.01 -29.10 3.78
C ASN B 180 -5.23 -28.35 4.84
N ALA B 181 -4.78 -27.16 4.55
CA ALA B 181 -3.97 -26.38 5.51
C ALA B 181 -4.74 -25.74 6.66
N LEU B 182 -6.01 -25.50 6.38
CA LEU B 182 -6.93 -24.97 7.37
C LEU B 182 -7.34 -25.96 8.42
N LYS B 183 -7.56 -25.43 9.65
CA LYS B 183 -8.27 -26.16 10.70
C LYS B 183 -9.63 -26.61 10.13
N PRO B 184 -10.24 -27.56 10.78
CA PRO B 184 -11.55 -28.03 10.32
C PRO B 184 -12.63 -26.98 10.26
N ASN B 185 -12.49 -25.89 10.99
CA ASN B 185 -13.44 -24.82 10.95
C ASN B 185 -12.76 -23.56 10.47
N GLY B 186 -11.66 -23.73 9.73
CA GLY B 186 -10.89 -22.57 9.21
C GLY B 186 -11.55 -21.90 7.97
N TYR B 187 -11.13 -20.67 7.74
CA TYR B 187 -11.59 -19.88 6.59
C TYR B 187 -10.50 -19.48 5.74
N CYS B 188 -10.78 -19.37 4.45
CA CYS B 188 -9.91 -18.66 3.52
C CYS B 188 -10.63 -17.60 2.83
N VAL B 189 -9.93 -16.49 2.65
CA VAL B 189 -10.42 -15.44 1.77
C VAL B 189 -9.32 -15.22 0.81
N ALA B 190 -9.69 -14.96 -0.45
CA ALA B 190 -8.68 -14.83 -1.49
C ALA B 190 -9.11 -13.76 -2.43
N GLN B 191 -8.15 -12.96 -2.82
CA GLN B 191 -8.35 -11.97 -3.88
C GLN B 191 -8.91 -12.64 -5.15
N CYS B 192 -10.03 -12.14 -5.67
CA CYS B 192 -10.69 -12.91 -6.76
C CYS B 192 -11.33 -11.99 -7.78
N GLU B 193 -10.62 -10.96 -8.10
CA GLU B 193 -10.78 -10.31 -9.41
C GLU B 193 -12.03 -9.46 -9.52
N SER B 194 -12.38 -8.99 -10.71
CA SER B 194 -13.44 -7.98 -10.79
C SER B 194 -14.67 -8.57 -11.43
N LEU B 195 -15.80 -8.44 -10.77
CA LEU B 195 -17.06 -8.93 -11.40
C LEU B 195 -17.49 -8.25 -12.72
N TRP B 196 -16.90 -7.14 -12.99
CA TRP B 196 -17.16 -6.42 -14.25
C TRP B 196 -16.52 -6.97 -15.53
N ILE B 197 -15.45 -7.72 -15.34
CA ILE B 197 -14.71 -8.19 -16.53
C ILE B 197 -14.22 -9.59 -16.46
N HIS B 198 -14.23 -10.20 -15.31
CA HIS B 198 -13.57 -11.47 -15.10
C HIS B 198 -14.59 -12.55 -14.69
N VAL B 199 -15.84 -12.53 -15.19
CA VAL B 199 -16.82 -13.47 -14.73
C VAL B 199 -16.38 -14.96 -14.98
N GLY B 200 -15.74 -15.23 -16.12
CA GLY B 200 -15.21 -16.58 -16.44
C GLY B 200 -14.28 -17.10 -15.34
N THR B 201 -13.34 -16.25 -14.92
CA THR B 201 -12.42 -16.54 -13.84
C THR B 201 -13.10 -16.72 -12.52
N ILE B 202 -14.03 -15.83 -12.16
CA ILE B 202 -14.77 -15.94 -10.94
C ILE B 202 -15.49 -17.27 -10.93
N LYS B 203 -16.09 -17.64 -12.06
CA LYS B 203 -16.85 -18.91 -12.11
C LYS B 203 -15.88 -20.07 -12.02
N ASN B 204 -14.74 -20.00 -12.65
CA ASN B 204 -13.75 -21.06 -12.52
C ASN B 204 -13.33 -21.22 -11.01
N MET B 205 -13.06 -20.11 -10.35
CA MET B 205 -12.48 -20.09 -8.99
C MET B 205 -13.54 -20.56 -8.03
N ILE B 206 -14.79 -20.10 -8.19
CA ILE B 206 -15.82 -20.57 -7.40
C ILE B 206 -15.97 -22.09 -7.57
N GLY B 207 -15.97 -22.53 -8.83
CA GLY B 207 -15.93 -23.96 -9.21
C GLY B 207 -14.85 -24.76 -8.53
N TYR B 208 -13.62 -24.27 -8.49
CA TYR B 208 -12.53 -24.96 -7.79
C TYR B 208 -12.79 -25.03 -6.32
N ALA B 209 -13.26 -23.89 -5.74
CA ALA B 209 -13.54 -23.91 -4.30
C ALA B 209 -14.70 -24.81 -3.93
N LYS B 210 -15.73 -24.83 -4.75
CA LYS B 210 -16.89 -25.62 -4.43
C LYS B 210 -16.65 -27.10 -4.60
N LYS B 211 -15.64 -27.55 -5.31
CA LYS B 211 -15.25 -28.99 -5.22
C LYS B 211 -14.90 -29.40 -3.78
N LEU B 212 -14.49 -28.44 -2.93
CA LEU B 212 -13.90 -28.71 -1.62
C LEU B 212 -14.62 -28.15 -0.45
N PHE B 213 -15.02 -26.89 -0.52
CA PHE B 213 -15.60 -26.19 0.61
C PHE B 213 -17.12 -26.27 0.63
N LYS B 214 -17.68 -26.35 1.80
CA LYS B 214 -19.15 -26.43 1.92
C LYS B 214 -19.84 -25.11 1.61
N LYS B 215 -19.16 -23.97 1.80
CA LYS B 215 -19.79 -22.68 1.50
C LYS B 215 -18.78 -21.80 0.81
N VAL B 216 -19.13 -21.34 -0.37
CA VAL B 216 -18.23 -20.51 -1.15
C VAL B 216 -19.07 -19.31 -1.51
N GLU B 217 -18.56 -18.15 -1.15
CA GLU B 217 -19.33 -16.91 -1.29
C GLU B 217 -18.37 -15.93 -1.94
N TYR B 218 -18.91 -14.81 -2.34
CA TYR B 218 -18.12 -13.86 -3.07
C TYR B 218 -18.55 -12.49 -2.58
N ALA B 219 -17.57 -11.64 -2.22
CA ALA B 219 -17.82 -10.26 -1.77
C ALA B 219 -17.10 -9.35 -2.71
N ASN B 220 -17.60 -8.11 -2.74
CA ASN B 220 -16.95 -7.06 -3.49
C ASN B 220 -16.52 -5.89 -2.60
N ILE B 221 -15.38 -5.28 -2.92
CA ILE B 221 -14.83 -4.14 -2.12
C ILE B 221 -14.64 -3.03 -3.16
N SER B 222 -15.00 -1.82 -2.79
CA SER B 222 -14.84 -0.59 -3.60
C SER B 222 -13.43 -0.17 -3.30
N ILE B 223 -12.68 -0.10 -4.35
CA ILE B 223 -11.32 0.33 -4.20
C ILE B 223 -10.83 0.84 -5.57
N PRO B 224 -10.52 2.14 -5.59
CA PRO B 224 -10.50 2.71 -6.92
C PRO B 224 -9.32 2.33 -7.81
N THR B 225 -8.22 1.90 -7.20
CA THR B 225 -6.98 1.60 -7.94
C THR B 225 -6.81 0.15 -8.37
N TYR B 226 -7.81 -0.71 -8.21
CA TYR B 226 -7.88 -2.01 -8.89
C TYR B 226 -8.80 -1.90 -10.13
N PRO B 227 -8.53 -2.65 -11.18
CA PRO B 227 -9.29 -2.50 -12.43
C PRO B 227 -10.80 -2.59 -12.26
N CYS B 228 -11.56 -1.68 -12.84
CA CYS B 228 -13.00 -1.57 -12.69
C CYS B 228 -13.42 -1.02 -11.29
N GLY B 229 -12.44 -0.66 -10.45
CA GLY B 229 -12.67 0.01 -9.17
C GLY B 229 -13.26 -0.88 -8.11
N CYS B 230 -13.05 -2.16 -8.29
CA CYS B 230 -13.49 -3.10 -7.30
C CYS B 230 -12.67 -4.37 -7.37
N ILE B 231 -12.70 -5.12 -6.29
CA ILE B 231 -12.02 -6.34 -6.28
C ILE B 231 -12.86 -7.26 -5.41
N GLY B 232 -12.96 -8.51 -5.83
CA GLY B 232 -13.72 -9.49 -5.15
C GLY B 232 -12.89 -10.23 -4.10
N ILE B 233 -13.60 -10.80 -3.16
CA ILE B 233 -13.07 -11.69 -2.16
C ILE B 233 -13.78 -12.98 -2.34
N LEU B 234 -13.02 -14.01 -2.65
CA LEU B 234 -13.57 -15.35 -2.73
C LEU B 234 -13.48 -15.87 -1.30
N CYS B 235 -14.60 -16.34 -0.80
CA CYS B 235 -14.75 -16.60 0.64
C CYS B 235 -15.11 -18.04 0.76
N CYS B 236 -14.24 -18.77 1.43
CA CYS B 236 -14.29 -20.21 1.47
C CYS B 236 -14.42 -20.61 2.95
N SER B 237 -15.48 -21.35 3.26
CA SER B 237 -15.79 -21.74 4.62
C SER B 237 -16.04 -23.24 4.62
N LYS B 238 -15.52 -23.90 5.64
CA LYS B 238 -15.77 -25.35 5.79
C LYS B 238 -17.09 -25.62 6.50
N THR B 239 -17.57 -24.57 7.16
CA THR B 239 -18.76 -24.56 7.97
C THR B 239 -19.91 -24.17 6.99
N ASP B 240 -21.17 -24.38 7.36
CA ASP B 240 -22.25 -23.96 6.47
C ASP B 240 -22.63 -22.47 6.63
N THR B 241 -22.15 -21.86 7.71
CA THR B 241 -22.52 -20.51 8.13
C THR B 241 -21.81 -19.41 7.29
N GLY B 242 -20.67 -19.73 6.72
CA GLY B 242 -20.01 -18.90 5.74
C GLY B 242 -19.51 -17.66 6.42
N LEU B 243 -19.25 -16.68 5.59
CA LEU B 243 -18.42 -15.51 6.06
C LEU B 243 -19.13 -14.16 5.97
N THR B 244 -20.43 -14.22 5.66
CA THR B 244 -21.21 -12.97 5.47
C THR B 244 -21.60 -12.23 6.77
N LYS B 245 -21.61 -12.87 7.93
CA LYS B 245 -22.04 -12.22 9.18
C LYS B 245 -20.91 -12.23 10.26
N PRO B 246 -20.49 -11.08 10.74
CA PRO B 246 -19.47 -11.12 11.78
C PRO B 246 -20.08 -11.59 13.08
N ASN B 247 -19.24 -12.21 13.90
CA ASN B 247 -19.55 -12.72 15.23
C ASN B 247 -19.11 -11.75 16.34
N LYS B 248 -18.43 -10.64 16.01
CA LYS B 248 -17.95 -9.72 17.02
C LYS B 248 -17.83 -8.34 16.43
N LYS B 249 -17.87 -7.33 17.26
CA LYS B 249 -17.70 -5.96 16.88
C LYS B 249 -16.33 -5.51 17.31
N LEU B 250 -15.68 -4.74 16.44
CA LEU B 250 -14.34 -4.25 16.74
C LEU B 250 -14.35 -2.94 17.58
N GLU B 251 -14.47 -3.08 18.89
CA GLU B 251 -14.73 -1.93 19.77
C GLU B 251 -13.53 -1.50 20.58
N SER B 252 -12.52 -2.33 20.67
CA SER B 252 -11.39 -1.98 21.55
C SER B 252 -10.58 -0.88 20.91
N LYS B 253 -9.76 -0.17 21.68
CA LYS B 253 -9.01 0.94 21.16
C LYS B 253 -8.10 0.63 19.96
N GLU B 254 -7.63 -0.60 19.84
CA GLU B 254 -6.81 -0.96 18.66
C GLU B 254 -7.53 -0.77 17.31
N PHE B 255 -8.85 -0.84 17.34
CA PHE B 255 -9.69 -0.74 16.14
C PHE B 255 -10.35 0.62 15.96
N ALA B 256 -10.01 1.60 16.81
CA ALA B 256 -10.76 2.88 16.83
C ALA B 256 -10.58 3.59 15.48
N ASP B 257 -9.42 3.44 14.90
CA ASP B 257 -9.02 4.23 13.79
C ASP B 257 -9.37 3.47 12.43
N LEU B 258 -10.17 2.39 12.44
CA LEU B 258 -10.45 1.73 11.10
C LEU B 258 -11.06 2.78 10.18
N LYS B 259 -10.74 2.70 8.89
CA LYS B 259 -11.24 3.60 7.92
C LYS B 259 -12.25 3.09 6.87
N TYR B 260 -12.46 1.77 6.77
CA TYR B 260 -13.44 1.19 5.88
C TYR B 260 -14.34 0.26 6.50
N TYR B 261 -13.82 -0.79 7.13
CA TYR B 261 -14.57 -1.83 7.56
C TYR B 261 -15.39 -1.39 8.76
N ASN B 262 -16.61 -1.82 8.80
CA ASN B 262 -17.37 -1.80 10.02
C ASN B 262 -18.38 -2.96 9.94
N TYR B 263 -19.09 -3.16 11.05
CA TYR B 263 -19.99 -4.24 11.19
C TYR B 263 -21.02 -4.34 10.05
N GLU B 264 -21.60 -3.21 9.69
CA GLU B 264 -22.64 -3.23 8.68
C GLU B 264 -22.13 -3.50 7.29
N ASN B 265 -21.00 -2.89 6.94
CA ASN B 265 -20.54 -3.13 5.61
C ASN B 265 -19.88 -4.44 5.30
N HIS B 266 -19.56 -5.15 6.36
CA HIS B 266 -19.12 -6.50 6.26
C HIS B 266 -20.16 -7.35 5.47
N SER B 267 -21.42 -7.38 5.94
CA SER B 267 -22.44 -8.14 5.26
CA SER B 267 -22.41 -8.19 5.24
C SER B 267 -22.83 -7.56 3.90
N ALA B 268 -22.77 -6.25 3.84
CA ALA B 268 -23.19 -5.59 2.61
C ALA B 268 -22.30 -5.96 1.44
N ALA B 269 -21.04 -6.20 1.70
CA ALA B 269 -20.12 -6.56 0.70
C ALA B 269 -20.50 -7.81 -0.15
N PHE B 270 -21.35 -8.63 0.40
CA PHE B 270 -21.73 -9.87 -0.30
C PHE B 270 -23.07 -9.79 -1.04
N LYS B 271 -23.65 -8.62 -1.04
CA LYS B 271 -24.87 -8.34 -1.87
C LYS B 271 -24.44 -7.88 -3.25
N LEU B 272 -24.45 -8.82 -4.21
CA LEU B 272 -23.84 -8.66 -5.47
C LEU B 272 -24.82 -8.24 -6.60
N PRO B 273 -24.32 -7.56 -7.65
CA PRO B 273 -25.22 -7.23 -8.71
C PRO B 273 -25.98 -8.48 -9.24
N ALA B 274 -27.27 -8.29 -9.65
CA ALA B 274 -28.08 -9.37 -10.16
C ALA B 274 -27.47 -10.21 -11.27
N PHE B 275 -26.79 -9.61 -12.22
CA PHE B 275 -26.30 -10.44 -13.32
C PHE B 275 -25.23 -11.42 -12.81
N LEU B 276 -24.49 -11.04 -11.77
CA LEU B 276 -23.40 -11.90 -11.30
C LEU B 276 -23.99 -13.07 -10.59
N LEU B 277 -24.98 -12.80 -9.75
CA LEU B 277 -25.74 -13.85 -9.09
C LEU B 277 -26.26 -14.90 -10.10
N LYS B 278 -26.80 -14.41 -11.21
CA LYS B 278 -27.29 -15.33 -12.24
C LYS B 278 -26.15 -16.19 -12.86
N GLU B 279 -25.05 -15.57 -13.26
CA GLU B 279 -23.89 -16.34 -13.66
C GLU B 279 -23.37 -17.32 -12.62
N ILE B 280 -23.39 -16.98 -11.34
CA ILE B 280 -22.80 -17.90 -10.32
C ILE B 280 -23.76 -18.93 -9.76
N GLU B 281 -25.06 -18.64 -9.78
CA GLU B 281 -26.09 -19.60 -9.40
C GLU B 281 -26.08 -20.75 -10.42
N ASN B 282 -25.91 -20.44 -11.69
CA ASN B 282 -25.98 -21.45 -12.73
C ASN B 282 -24.86 -21.24 -13.73
N LYS C 3 -5.23 1.12 -33.21
CA LYS C 3 -6.46 1.72 -32.61
C LYS C 3 -6.09 2.74 -31.50
N LYS C 4 -6.81 3.87 -31.49
CA LYS C 4 -6.64 4.99 -30.58
C LYS C 4 -7.43 4.63 -29.26
N TRP C 5 -7.12 5.35 -28.20
CA TRP C 5 -7.78 5.22 -26.91
C TRP C 5 -8.45 6.55 -26.56
N PHE C 6 -9.57 6.44 -25.86
CA PHE C 6 -10.20 7.57 -25.29
C PHE C 6 -9.75 7.66 -23.81
N SER C 7 -9.27 8.82 -23.37
CA SER C 7 -8.86 8.99 -21.93
C SER C 7 -9.65 10.05 -21.21
N GLU C 8 -10.08 9.80 -19.95
CA GLU C 8 -10.91 10.76 -19.27
C GLU C 8 -10.18 11.59 -18.16
N PHE C 9 -9.61 12.69 -18.57
CA PHE C 9 -8.84 13.56 -17.65
C PHE C 9 -9.75 14.62 -17.19
N SER C 10 -9.69 15.01 -15.91
CA SER C 10 -10.42 16.15 -15.32
C SER C 10 -9.87 16.76 -14.01
N ILE C 11 -10.01 18.08 -13.81
CA ILE C 11 -9.68 18.72 -12.51
C ILE C 11 -10.57 18.23 -11.40
N MET C 12 -11.70 17.60 -11.73
CA MET C 12 -12.53 16.99 -10.71
C MET C 12 -11.98 15.71 -10.09
N TRP C 13 -11.06 15.09 -10.78
CA TRP C 13 -10.30 13.96 -10.28
C TRP C 13 -8.83 14.09 -10.61
N PRO C 14 -8.17 15.06 -9.98
CA PRO C 14 -6.80 15.35 -10.38
C PRO C 14 -5.92 14.16 -10.15
N GLY C 15 -4.95 13.95 -11.03
CA GLY C 15 -3.96 12.90 -10.85
C GLY C 15 -4.33 11.47 -11.17
N GLN C 16 -5.55 11.26 -11.68
CA GLN C 16 -5.99 10.01 -12.16
C GLN C 16 -6.75 10.10 -13.53
N ALA C 17 -6.79 8.94 -14.24
CA ALA C 17 -7.57 8.80 -15.50
C ALA C 17 -7.89 7.42 -15.85
N PHE C 18 -9.09 7.26 -16.38
CA PHE C 18 -9.55 6.02 -16.93
C PHE C 18 -9.59 6.16 -18.49
N SER C 19 -9.28 5.09 -19.19
CA SER C 19 -9.20 5.05 -20.70
C SER C 19 -9.87 3.83 -21.28
N LEU C 20 -10.48 4.00 -22.48
CA LEU C 20 -11.14 2.91 -23.23
C LEU C 20 -10.60 2.93 -24.69
N LYS C 21 -10.34 1.74 -25.19
CA LYS C 21 -9.88 1.52 -26.57
C LYS C 21 -11.01 1.73 -27.55
N ILE C 22 -10.75 2.53 -28.58
CA ILE C 22 -11.81 2.91 -29.49
C ILE C 22 -11.88 1.95 -30.75
N LYS C 23 -12.99 1.32 -31.01
CA LYS C 23 -13.13 0.57 -32.23
C LYS C 23 -13.40 1.47 -33.40
N LYS C 24 -14.37 2.36 -33.23
CA LYS C 24 -14.61 3.42 -34.21
C LYS C 24 -15.39 4.55 -33.60
N ILE C 25 -15.07 5.73 -34.07
CA ILE C 25 -15.79 6.95 -33.75
C ILE C 25 -17.11 6.90 -34.50
N LEU C 26 -18.20 7.16 -33.81
CA LEU C 26 -19.49 7.13 -34.46
C LEU C 26 -20.00 8.52 -34.75
N TYR C 27 -19.73 9.49 -33.84
CA TYR C 27 -20.35 10.82 -33.92
C TYR C 27 -19.69 11.80 -32.98
N GLU C 28 -19.43 13.01 -33.46
CA GLU C 28 -18.87 14.05 -32.64
C GLU C 28 -19.53 15.33 -33.06
N THR C 29 -19.93 16.15 -32.11
CA THR C 29 -20.53 17.43 -32.45
C THR C 29 -20.52 18.32 -31.20
N LYS C 30 -20.57 19.60 -31.40
CA LYS C 30 -20.68 20.55 -30.32
C LYS C 30 -22.13 20.95 -30.34
N SER C 31 -22.85 20.65 -29.27
CA SER C 31 -24.25 21.10 -29.16
C SER C 31 -24.26 22.56 -28.65
N LYS C 32 -25.42 23.09 -28.37
CA LYS C 32 -25.48 24.44 -27.75
C LYS C 32 -24.79 24.45 -26.39
N TYR C 33 -24.64 23.29 -25.77
CA TYR C 33 -24.21 23.27 -24.33
C TYR C 33 -22.92 22.55 -24.02
N GLN C 34 -22.68 21.48 -24.77
CA GLN C 34 -21.61 20.53 -24.48
C GLN C 34 -20.94 19.96 -25.75
N ASN C 35 -19.75 19.50 -25.59
CA ASN C 35 -19.06 18.63 -26.54
C ASN C 35 -19.59 17.21 -26.46
N VAL C 36 -20.14 16.68 -27.54
CA VAL C 36 -20.77 15.41 -27.58
C VAL C 36 -19.98 14.45 -28.40
N LEU C 37 -19.60 13.33 -27.82
CA LEU C 37 -18.90 12.30 -28.53
C LEU C 37 -19.56 10.96 -28.34
N VAL C 38 -19.73 10.17 -29.42
CA VAL C 38 -20.13 8.77 -29.32
C VAL C 38 -19.12 7.93 -30.08
N PHE C 39 -18.64 6.91 -29.44
CA PHE C 39 -17.75 6.03 -30.01
C PHE C 39 -18.07 4.61 -29.65
N GLU C 40 -17.72 3.67 -30.52
CA GLU C 40 -17.82 2.27 -30.23
C GLU C 40 -16.47 1.86 -29.61
N SER C 41 -16.49 1.47 -28.31
CA SER C 41 -15.31 0.97 -27.67
C SER C 41 -15.14 -0.52 -28.07
N THR C 42 -13.94 -1.03 -27.87
CA THR C 42 -13.71 -2.42 -28.18
C THR C 42 -14.29 -3.34 -27.23
N THR C 43 -14.45 -2.93 -25.95
CA THR C 43 -14.99 -3.89 -24.98
C THR C 43 -16.16 -3.46 -24.13
N TYR C 44 -16.53 -2.21 -24.19
CA TYR C 44 -17.66 -1.71 -23.45
C TYR C 44 -18.85 -1.32 -24.34
N GLY C 45 -18.78 -1.67 -25.66
CA GLY C 45 -19.79 -1.22 -26.56
C GLY C 45 -19.72 0.26 -26.83
N LYS C 46 -20.83 0.80 -27.28
CA LYS C 46 -20.89 2.20 -27.53
C LYS C 46 -20.86 3.06 -26.23
N VAL C 47 -20.26 4.20 -26.35
CA VAL C 47 -19.92 5.11 -25.24
C VAL C 47 -20.33 6.51 -25.61
N LEU C 48 -21.04 7.15 -24.70
CA LEU C 48 -21.41 8.51 -24.78
C LEU C 48 -20.60 9.38 -23.84
N VAL C 49 -19.99 10.39 -24.40
CA VAL C 49 -19.13 11.29 -23.69
C VAL C 49 -19.64 12.75 -23.81
N LEU C 50 -19.59 13.51 -22.70
CA LEU C 50 -19.96 14.86 -22.65
C LEU C 50 -18.90 15.70 -21.94
N ASP C 51 -18.44 16.73 -22.61
CA ASP C 51 -17.35 17.57 -22.17
C ASP C 51 -16.20 16.73 -21.70
N GLY C 52 -15.88 15.64 -22.35
CA GLY C 52 -14.69 14.85 -22.07
C GLY C 52 -14.89 13.89 -20.91
N VAL C 53 -16.15 13.78 -20.50
CA VAL C 53 -16.48 12.92 -19.38
C VAL C 53 -17.42 11.85 -19.81
N ILE C 54 -17.09 10.61 -19.47
CA ILE C 54 -17.92 9.47 -19.77
C ILE C 54 -19.24 9.60 -19.06
N GLN C 55 -20.31 9.54 -19.83
CA GLN C 55 -21.68 9.56 -19.32
C GLN C 55 -22.28 8.19 -19.21
N LEU C 56 -21.99 7.30 -20.14
CA LEU C 56 -22.43 5.98 -20.15
C LEU C 56 -21.74 5.07 -21.18
N THR C 57 -21.79 3.79 -20.93
CA THR C 57 -21.35 2.79 -21.88
C THR C 57 -22.40 1.76 -21.94
N GLU C 58 -22.48 1.03 -23.08
CA GLU C 58 -23.47 -0.03 -23.16
C GLU C 58 -23.31 -1.12 -22.17
N LYS C 59 -22.09 -1.44 -21.83
CA LYS C 59 -21.79 -2.62 -21.03
C LYS C 59 -22.24 -2.42 -19.55
N ASP C 60 -22.17 -1.22 -18.98
CA ASP C 60 -22.40 -1.09 -17.50
C ASP C 60 -23.51 -0.09 -17.11
N GLU C 61 -24.15 0.56 -18.11
CA GLU C 61 -25.21 1.53 -17.90
C GLU C 61 -26.33 1.05 -16.99
N PHE C 62 -26.64 -0.24 -17.05
CA PHE C 62 -27.73 -0.69 -16.31
C PHE C 62 -27.44 -0.49 -14.81
N ALA C 63 -26.20 -0.50 -14.36
CA ALA C 63 -25.94 -0.41 -12.86
C ALA C 63 -26.43 0.96 -12.34
N TYR C 64 -26.01 2.03 -12.98
CA TYR C 64 -26.45 3.33 -12.59
C TYR C 64 -27.95 3.52 -12.83
N HIS C 65 -28.46 3.18 -14.04
CA HIS C 65 -29.84 3.44 -14.35
C HIS C 65 -30.74 2.70 -13.43
N GLU C 66 -30.43 1.43 -13.17
CA GLU C 66 -31.23 0.65 -12.35
C GLU C 66 -31.20 1.17 -10.91
N MET C 67 -30.03 1.45 -10.37
CA MET C 67 -29.99 1.90 -8.95
C MET C 67 -30.59 3.26 -8.72
N MET C 68 -30.36 4.20 -9.61
CA MET C 68 -30.92 5.50 -9.51
C MET C 68 -32.44 5.46 -9.62
N THR C 69 -32.99 4.54 -10.41
CA THR C 69 -34.44 4.49 -10.67
C THR C 69 -35.10 3.68 -9.55
N HIS C 70 -34.64 2.46 -9.39
CA HIS C 70 -35.38 1.49 -8.61
C HIS C 70 -35.22 1.78 -7.06
N VAL C 71 -34.17 2.47 -6.62
CA VAL C 71 -34.13 2.88 -5.18
C VAL C 71 -35.37 3.75 -4.80
N PRO C 72 -35.58 4.94 -5.36
CA PRO C 72 -36.72 5.75 -5.03
C PRO C 72 -38.02 5.08 -5.50
N MET C 73 -38.02 4.42 -6.68
CA MET C 73 -39.29 3.86 -7.21
C MET C 73 -39.80 2.66 -6.40
N THR C 74 -38.94 1.95 -5.69
CA THR C 74 -39.40 0.92 -4.78
C THR C 74 -39.72 1.45 -3.39
N VAL C 75 -39.35 2.66 -3.07
CA VAL C 75 -39.66 3.22 -1.76
C VAL C 75 -40.95 4.03 -1.88
N SER C 76 -41.03 4.90 -2.86
CA SER C 76 -42.26 5.61 -3.07
C SER C 76 -43.42 4.56 -3.27
N LYS C 77 -44.52 4.74 -2.56
CA LYS C 77 -45.59 3.70 -2.60
C LYS C 77 -46.28 3.56 -3.96
N GLU C 78 -46.85 4.65 -4.46
CA GLU C 78 -47.54 4.57 -5.73
C GLU C 78 -47.17 5.77 -6.55
N PRO C 79 -45.92 5.86 -6.98
CA PRO C 79 -45.52 7.01 -7.72
C PRO C 79 -46.27 7.10 -9.07
N LYS C 80 -46.80 8.26 -9.36
CA LYS C 80 -47.58 8.44 -10.60
C LYS C 80 -46.91 9.32 -11.55
N ASN C 81 -46.25 10.33 -10.99
CA ASN C 81 -45.67 11.41 -11.77
C ASN C 81 -44.23 11.55 -11.37
N VAL C 82 -43.35 11.32 -12.31
CA VAL C 82 -41.90 11.25 -11.95
C VAL C 82 -41.25 12.21 -12.87
N LEU C 83 -40.30 12.95 -12.36
CA LEU C 83 -39.45 13.80 -13.15
C LEU C 83 -38.09 13.20 -13.21
N VAL C 84 -37.51 13.21 -14.40
CA VAL C 84 -36.08 13.01 -14.59
C VAL C 84 -35.43 14.32 -14.96
N VAL C 85 -34.42 14.75 -14.21
CA VAL C 85 -33.64 15.92 -14.45
C VAL C 85 -32.42 15.40 -15.08
N GLY C 86 -32.06 15.99 -16.21
CA GLY C 86 -31.04 15.44 -17.06
C GLY C 86 -31.50 14.20 -17.79
N GLY C 87 -30.68 13.15 -17.78
CA GLY C 87 -31.16 11.87 -18.22
C GLY C 87 -31.41 11.76 -19.77
N GLY C 88 -30.82 12.63 -20.57
CA GLY C 88 -31.21 12.62 -22.03
C GLY C 88 -31.02 11.35 -22.81
N ASP C 89 -30.10 10.48 -22.36
CA ASP C 89 -29.98 9.17 -23.01
C ASP C 89 -31.24 8.30 -22.94
N GLY C 90 -32.06 8.51 -21.92
CA GLY C 90 -33.22 7.73 -21.75
C GLY C 90 -33.17 6.61 -20.78
N GLY C 91 -31.99 6.32 -20.16
CA GLY C 91 -31.88 5.09 -19.42
C GLY C 91 -32.83 5.11 -18.23
N ILE C 92 -32.91 6.24 -17.56
CA ILE C 92 -33.78 6.30 -16.34
C ILE C 92 -35.23 6.16 -16.86
N ILE C 93 -35.55 6.80 -18.01
CA ILE C 93 -36.94 6.63 -18.55
C ILE C 93 -37.21 5.18 -18.95
N ARG C 94 -36.23 4.50 -19.56
CA ARG C 94 -36.42 3.08 -19.85
C ARG C 94 -36.81 2.31 -18.60
N GLU C 95 -36.07 2.56 -17.50
CA GLU C 95 -36.36 1.88 -16.25
C GLU C 95 -37.72 2.28 -15.65
N LEU C 96 -38.03 3.54 -15.70
CA LEU C 96 -39.31 3.99 -15.22
C LEU C 96 -40.50 3.36 -16.03
N CYS C 97 -40.34 3.16 -17.36
CA CYS C 97 -41.44 2.61 -18.21
C CYS C 97 -41.85 1.25 -17.83
N LYS C 98 -40.95 0.56 -17.13
CA LYS C 98 -41.24 -0.75 -16.70
C LYS C 98 -42.34 -0.75 -15.63
N TYR C 99 -42.57 0.40 -14.95
CA TYR C 99 -43.63 0.53 -13.95
C TYR C 99 -44.92 0.83 -14.70
N LYS C 100 -45.71 -0.19 -14.95
CA LYS C 100 -46.97 0.02 -15.70
C LYS C 100 -47.83 1.04 -15.00
N SER C 101 -47.77 1.13 -13.64
CA SER C 101 -48.54 2.13 -12.88
C SER C 101 -48.19 3.61 -12.97
N VAL C 102 -47.00 3.92 -13.42
CA VAL C 102 -46.62 5.30 -13.59
C VAL C 102 -47.54 5.85 -14.63
N GLU C 103 -48.04 7.04 -14.37
CA GLU C 103 -48.93 7.70 -15.34
C GLU C 103 -48.27 8.69 -16.20
N ASN C 104 -47.20 9.30 -15.70
CA ASN C 104 -46.57 10.36 -16.45
C ASN C 104 -45.09 10.40 -16.06
N ILE C 105 -44.26 10.54 -17.05
CA ILE C 105 -42.85 10.71 -16.88
C ILE C 105 -42.48 11.97 -17.61
N ASP C 106 -42.09 12.97 -16.84
CA ASP C 106 -41.52 14.13 -17.40
C ASP C 106 -40.02 14.02 -17.44
N ILE C 107 -39.41 14.52 -18.49
CA ILE C 107 -37.97 14.61 -18.52
C ILE C 107 -37.57 16.00 -18.88
N CYS C 108 -36.70 16.56 -18.05
CA CYS C 108 -36.12 17.89 -18.31
C CYS C 108 -34.68 17.81 -18.55
N GLU C 109 -34.30 17.92 -19.84
CA GLU C 109 -32.96 17.69 -20.25
C GLU C 109 -32.59 18.98 -20.96
N ILE C 110 -31.46 19.55 -20.59
CA ILE C 110 -31.03 20.84 -21.14
C ILE C 110 -30.61 20.75 -22.62
N ASP C 111 -30.04 19.62 -23.03
CA ASP C 111 -29.38 19.49 -24.35
C ASP C 111 -30.10 18.48 -25.25
N GLU C 112 -30.93 18.97 -26.17
CA GLU C 112 -31.72 18.02 -26.97
C GLU C 112 -30.90 17.17 -27.95
N THR C 113 -29.68 17.55 -28.25
CA THR C 113 -28.78 16.73 -29.04
C THR C 113 -28.45 15.44 -28.35
N VAL C 114 -28.48 15.46 -26.99
CA VAL C 114 -28.21 14.26 -26.25
C VAL C 114 -29.31 13.26 -26.54
N ILE C 115 -30.54 13.73 -26.59
CA ILE C 115 -31.67 12.89 -26.91
C ILE C 115 -31.59 12.36 -28.38
N GLU C 116 -31.31 13.24 -29.31
CA GLU C 116 -31.21 12.82 -30.74
C GLU C 116 -30.15 11.72 -30.95
N VAL C 117 -29.00 11.92 -30.35
CA VAL C 117 -27.84 11.06 -30.49
C VAL C 117 -28.17 9.74 -29.83
N SER C 118 -28.94 9.78 -28.73
CA SER C 118 -29.30 8.59 -28.08
C SER C 118 -30.30 7.72 -28.84
N LYS C 119 -31.16 8.37 -29.62
CA LYS C 119 -32.09 7.62 -30.49
C LYS C 119 -31.35 6.94 -31.68
N ILE C 120 -30.33 7.59 -32.18
CA ILE C 120 -29.57 7.03 -33.29
C ILE C 120 -28.66 5.86 -32.85
N TYR C 121 -27.93 6.04 -31.74
CA TYR C 121 -26.83 5.22 -31.42
C TYR C 121 -27.06 4.38 -30.17
N PHE C 122 -28.13 4.61 -29.45
CA PHE C 122 -28.34 3.85 -28.21
C PHE C 122 -29.77 3.44 -28.07
N LYS C 123 -30.32 2.75 -29.07
CA LYS C 123 -31.72 2.38 -29.09
C LYS C 123 -32.13 1.46 -27.98
N ASN C 124 -31.20 0.68 -27.44
CA ASN C 124 -31.54 -0.07 -26.30
C ASN C 124 -31.59 0.80 -24.99
N ILE C 125 -31.17 2.02 -25.03
CA ILE C 125 -31.23 2.93 -23.84
C ILE C 125 -32.33 3.95 -24.06
N SER C 126 -32.55 4.35 -25.33
CA SER C 126 -33.52 5.41 -25.59
C SER C 126 -34.91 4.93 -26.03
N CYS C 127 -35.15 3.64 -25.91
CA CYS C 127 -36.35 3.02 -26.37
C CYS C 127 -37.62 3.49 -25.66
N GLY C 128 -37.50 4.01 -24.42
CA GLY C 128 -38.66 4.51 -23.75
C GLY C 128 -39.20 5.82 -24.27
N TYR C 129 -38.50 6.53 -25.10
CA TYR C 129 -39.07 7.74 -25.64
C TYR C 129 -40.31 7.46 -26.53
N GLU C 130 -40.48 6.22 -26.93
CA GLU C 130 -41.71 5.82 -27.73
C GLU C 130 -42.90 5.66 -26.77
N ASP C 131 -42.66 5.60 -25.47
CA ASP C 131 -43.73 5.36 -24.55
C ASP C 131 -44.63 6.62 -24.53
N LYS C 132 -45.95 6.40 -24.70
CA LYS C 132 -46.87 7.54 -24.76
C LYS C 132 -46.96 8.34 -23.41
N ARG C 133 -46.41 7.80 -22.30
CA ARG C 133 -46.38 8.53 -21.01
C ARG C 133 -45.27 9.53 -20.85
N VAL C 134 -44.36 9.55 -21.81
CA VAL C 134 -43.21 10.34 -21.69
C VAL C 134 -43.38 11.67 -22.37
N ASN C 135 -43.02 12.74 -21.64
CA ASN C 135 -43.11 14.14 -22.07
C ASN C 135 -41.79 14.78 -21.90
N VAL C 136 -41.29 15.36 -22.96
CA VAL C 136 -39.94 15.86 -23.00
C VAL C 136 -39.90 17.35 -22.93
N PHE C 137 -39.10 17.93 -22.03
CA PHE C 137 -38.86 19.40 -21.96
C PHE C 137 -37.48 19.66 -22.12
N ILE C 138 -37.13 20.56 -23.01
CA ILE C 138 -35.76 20.94 -23.22
C ILE C 138 -35.39 22.26 -22.51
N GLU C 139 -34.82 22.18 -21.28
CA GLU C 139 -34.62 23.34 -20.40
C GLU C 139 -33.58 23.02 -19.32
N ASP C 140 -32.96 24.07 -18.76
CA ASP C 140 -32.14 23.98 -17.52
C ASP C 140 -33.15 23.61 -16.46
N ALA C 141 -32.91 22.49 -15.78
CA ALA C 141 -33.89 22.05 -14.78
C ALA C 141 -33.97 23.06 -13.61
N SER C 142 -32.95 23.85 -13.39
CA SER C 142 -33.00 24.89 -12.31
C SER C 142 -34.05 25.97 -12.64
N LYS C 143 -34.26 26.21 -13.92
CA LYS C 143 -35.33 27.11 -14.39
C LYS C 143 -36.65 26.39 -14.42
N PHE C 144 -36.67 25.18 -14.97
CA PHE C 144 -37.89 24.35 -15.03
C PHE C 144 -38.61 24.23 -13.70
N LEU C 145 -37.86 24.00 -12.63
CA LEU C 145 -38.49 23.81 -11.30
C LEU C 145 -38.82 25.13 -10.54
N GLU C 146 -38.51 26.29 -11.11
CA GLU C 146 -39.02 27.56 -10.43
C GLU C 146 -40.51 27.47 -10.55
N ASN C 147 -41.27 27.85 -9.58
CA ASN C 147 -42.75 27.62 -9.87
C ASN C 147 -43.28 26.21 -10.27
N VAL C 148 -42.59 25.13 -9.95
CA VAL C 148 -43.25 23.85 -9.89
C VAL C 148 -43.35 23.49 -8.44
N THR C 149 -44.55 23.18 -8.02
CA THR C 149 -44.81 22.97 -6.59
C THR C 149 -45.65 21.78 -6.51
N ASN C 150 -45.33 20.91 -5.52
CA ASN C 150 -46.21 19.89 -5.14
C ASN C 150 -46.71 18.98 -6.30
N THR C 151 -45.80 18.52 -7.14
CA THR C 151 -46.15 17.91 -8.46
C THR C 151 -45.64 16.47 -8.63
N TYR C 152 -44.43 16.25 -8.17
CA TYR C 152 -43.75 14.95 -8.40
C TYR C 152 -43.65 14.11 -7.19
N ASP C 153 -43.90 12.84 -7.41
CA ASP C 153 -43.73 11.83 -6.37
C ASP C 153 -42.20 11.56 -6.19
N VAL C 154 -41.46 11.58 -7.32
CA VAL C 154 -40.04 11.27 -7.29
C VAL C 154 -39.40 12.17 -8.26
N ILE C 155 -38.27 12.69 -7.86
CA ILE C 155 -37.40 13.43 -8.74
C ILE C 155 -36.05 12.69 -8.78
N ILE C 156 -35.60 12.36 -10.00
CA ILE C 156 -34.33 11.66 -10.15
C ILE C 156 -33.46 12.62 -10.89
N VAL C 157 -32.35 13.07 -10.29
CA VAL C 157 -31.47 14.01 -10.81
C VAL C 157 -30.32 13.22 -11.36
N ASP C 158 -30.45 12.98 -12.66
CA ASP C 158 -29.44 12.21 -13.40
C ASP C 158 -28.61 13.23 -14.18
N SER C 159 -27.74 13.93 -13.45
CA SER C 159 -26.94 15.01 -13.99
C SER C 159 -25.58 14.54 -14.31
N SER C 160 -24.97 15.30 -15.20
CA SER C 160 -23.56 15.30 -15.30
C SER C 160 -22.89 16.01 -14.09
N ASP C 161 -21.58 16.12 -14.15
CA ASP C 161 -20.81 16.66 -13.01
C ASP C 161 -21.01 18.21 -12.89
N PRO C 162 -20.55 18.81 -11.77
CA PRO C 162 -20.83 20.24 -11.49
C PRO C 162 -20.13 21.23 -12.38
N ILE C 163 -19.16 20.78 -13.18
CA ILE C 163 -18.56 21.61 -14.18
C ILE C 163 -19.27 21.41 -15.51
N GLY C 164 -19.95 22.43 -15.96
CA GLY C 164 -20.70 22.40 -17.18
C GLY C 164 -22.11 22.79 -16.80
N PRO C 165 -23.07 22.49 -17.68
CA PRO C 165 -24.43 22.95 -17.42
C PRO C 165 -25.02 22.43 -16.12
N ALA C 166 -24.45 21.38 -15.53
CA ALA C 166 -25.06 20.83 -14.31
C ALA C 166 -24.59 21.70 -13.12
N GLU C 167 -23.80 22.77 -13.31
CA GLU C 167 -23.39 23.63 -12.12
C GLU C 167 -24.58 24.18 -11.34
N THR C 168 -25.71 24.34 -12.01
CA THR C 168 -26.89 24.94 -11.43
C THR C 168 -27.67 23.97 -10.56
N LEU C 169 -27.26 22.70 -10.58
CA LEU C 169 -27.94 21.64 -9.86
C LEU C 169 -27.23 21.25 -8.59
N PHE C 170 -26.01 21.78 -8.34
CA PHE C 170 -25.22 21.47 -7.15
C PHE C 170 -25.16 22.68 -6.19
N ASN C 171 -26.29 23.12 -5.74
CA ASN C 171 -26.28 24.19 -4.69
C ASN C 171 -27.53 24.18 -3.92
N GLN C 172 -27.54 24.97 -2.84
CA GLN C 172 -28.65 25.03 -1.97
C GLN C 172 -29.92 25.46 -2.64
N ASN C 173 -29.83 26.43 -3.52
CA ASN C 173 -30.99 26.89 -4.29
C ASN C 173 -31.74 25.78 -5.08
N PHE C 174 -31.02 24.90 -5.75
CA PHE C 174 -31.64 23.79 -6.49
C PHE C 174 -32.41 22.90 -5.58
N TYR C 175 -31.82 22.65 -4.43
CA TYR C 175 -32.44 21.75 -3.50
C TYR C 175 -33.69 22.35 -2.93
N GLU C 176 -33.71 23.65 -2.76
CA GLU C 176 -34.96 24.29 -2.32
C GLU C 176 -36.06 24.09 -3.32
N LYS C 177 -35.71 24.18 -4.61
CA LYS C 177 -36.68 23.89 -5.70
C LYS C 177 -37.15 22.44 -5.80
N ILE C 178 -36.22 21.51 -5.66
CA ILE C 178 -36.54 20.13 -5.68
C ILE C 178 -37.54 19.92 -4.57
N TYR C 179 -37.20 20.49 -3.42
CA TYR C 179 -37.99 20.28 -2.19
C TYR C 179 -39.38 20.81 -2.45
N ASN C 180 -39.45 21.98 -3.04
CA ASN C 180 -40.76 22.56 -3.33
C ASN C 180 -41.57 21.80 -4.40
N ALA C 181 -40.89 21.28 -5.44
CA ALA C 181 -41.53 20.57 -6.51
C ALA C 181 -42.04 19.19 -6.21
N LEU C 182 -41.50 18.60 -5.14
CA LEU C 182 -41.91 17.35 -4.67
C LEU C 182 -43.24 17.48 -3.91
N LYS C 183 -44.00 16.42 -3.94
CA LYS C 183 -45.20 16.24 -3.15
C LYS C 183 -44.77 16.10 -1.69
N PRO C 184 -45.72 16.14 -0.75
CA PRO C 184 -45.24 16.26 0.64
C PRO C 184 -44.49 15.04 1.19
N ASN C 185 -44.73 13.86 0.63
CA ASN C 185 -43.91 12.70 0.87
C ASN C 185 -43.01 12.29 -0.29
N GLY C 186 -42.64 13.24 -1.07
CA GLY C 186 -41.85 12.99 -2.24
C GLY C 186 -40.39 12.70 -1.87
N TYR C 187 -39.68 12.08 -2.84
CA TYR C 187 -38.28 11.70 -2.71
C TYR C 187 -37.52 12.27 -3.87
N CYS C 188 -36.27 12.55 -3.59
CA CYS C 188 -35.34 12.96 -4.58
C CYS C 188 -34.10 12.10 -4.43
N VAL C 189 -33.62 11.60 -5.55
CA VAL C 189 -32.25 11.11 -5.61
C VAL C 189 -31.51 11.88 -6.61
N ALA C 190 -30.21 11.98 -6.35
CA ALA C 190 -29.36 12.75 -7.19
C ALA C 190 -28.02 12.08 -7.32
N GLN C 191 -27.46 12.16 -8.52
CA GLN C 191 -26.09 11.80 -8.71
C GLN C 191 -25.18 12.64 -7.77
N CYS C 192 -24.32 11.98 -6.99
CA CYS C 192 -23.60 12.69 -5.91
C CYS C 192 -22.19 12.12 -5.74
N GLU C 193 -21.58 11.85 -6.91
CA GLU C 193 -20.19 11.76 -7.04
C GLU C 193 -19.51 10.62 -6.36
N SER C 194 -18.17 10.66 -6.27
CA SER C 194 -17.47 9.49 -5.77
C SER C 194 -16.91 9.69 -4.35
N LEU C 195 -17.20 8.79 -3.44
CA LEU C 195 -16.70 8.95 -2.09
C LEU C 195 -15.19 8.84 -1.87
N TRP C 196 -14.46 8.45 -2.89
CA TRP C 196 -13.07 8.32 -2.85
C TRP C 196 -12.33 9.60 -3.04
N ILE C 197 -12.91 10.57 -3.75
CA ILE C 197 -12.26 11.83 -4.05
C ILE C 197 -13.11 13.04 -3.91
N HIS C 198 -14.42 12.92 -3.70
CA HIS C 198 -15.29 14.07 -3.71
C HIS C 198 -15.95 14.26 -2.34
N VAL C 199 -15.24 13.97 -1.26
CA VAL C 199 -15.91 14.09 0.06
C VAL C 199 -16.35 15.54 0.33
N GLY C 200 -15.57 16.50 -0.10
CA GLY C 200 -15.99 17.88 0.06
C GLY C 200 -17.33 18.17 -0.60
N THR C 201 -17.54 17.70 -1.84
CA THR C 201 -18.81 17.85 -2.52
C THR C 201 -19.91 17.14 -1.87
N ILE C 202 -19.65 15.90 -1.53
CA ILE C 202 -20.59 15.10 -0.80
C ILE C 202 -21.07 15.84 0.49
N LYS C 203 -20.12 16.38 1.27
CA LYS C 203 -20.48 17.08 2.55
C LYS C 203 -21.26 18.32 2.21
N ASN C 204 -20.90 19.00 1.16
CA ASN C 204 -21.68 20.16 0.80
C ASN C 204 -23.11 19.83 0.47
N MET C 205 -23.24 18.77 -0.35
CA MET C 205 -24.54 18.47 -0.96
C MET C 205 -25.45 17.89 0.10
N ILE C 206 -24.88 17.00 0.89
CA ILE C 206 -25.62 16.52 2.09
C ILE C 206 -26.06 17.74 3.00
N GLY C 207 -25.15 18.66 3.28
CA GLY C 207 -25.47 19.92 4.05
C GLY C 207 -26.62 20.67 3.47
N TYR C 208 -26.62 20.84 2.15
CA TYR C 208 -27.74 21.47 1.46
C TYR C 208 -28.99 20.72 1.62
N ALA C 209 -28.95 19.40 1.50
CA ALA C 209 -30.17 18.69 1.56
C ALA C 209 -30.68 18.68 3.03
N LYS C 210 -29.76 18.68 3.99
CA LYS C 210 -30.17 18.57 5.43
C LYS C 210 -30.79 19.85 5.94
N LYS C 211 -30.56 20.95 5.26
CA LYS C 211 -31.23 22.19 5.66
C LYS C 211 -32.68 22.12 5.38
N LEU C 212 -33.09 21.21 4.51
CA LEU C 212 -34.45 21.09 4.06
C LEU C 212 -35.14 19.82 4.35
N PHE C 213 -34.51 18.70 4.07
CA PHE C 213 -35.14 17.41 4.17
C PHE C 213 -34.84 16.83 5.59
N LYS C 214 -35.83 16.19 6.07
CA LYS C 214 -35.78 15.55 7.40
C LYS C 214 -34.76 14.41 7.43
N LYS C 215 -34.61 13.70 6.31
CA LYS C 215 -33.72 12.50 6.26
C LYS C 215 -32.87 12.57 5.01
N VAL C 216 -31.56 12.58 5.19
CA VAL C 216 -30.65 12.66 4.03
C VAL C 216 -29.65 11.58 4.18
N GLU C 217 -29.55 10.74 3.16
CA GLU C 217 -28.72 9.55 3.16
C GLU C 217 -27.92 9.54 1.91
N TYR C 218 -26.99 8.61 1.86
CA TYR C 218 -26.05 8.52 0.77
C TYR C 218 -25.80 7.03 0.46
N ALA C 219 -25.92 6.62 -0.82
CA ALA C 219 -25.73 5.26 -1.28
C ALA C 219 -24.62 5.25 -2.35
N ASN C 220 -23.98 4.12 -2.49
CA ASN C 220 -22.84 3.98 -3.40
C ASN C 220 -23.17 2.84 -4.40
N ILE C 221 -22.79 3.02 -5.64
CA ILE C 221 -23.04 2.07 -6.80
C ILE C 221 -21.68 1.73 -7.41
N SER C 222 -21.44 0.46 -7.70
CA SER C 222 -20.30 -0.01 -8.45
C SER C 222 -20.59 0.05 -9.95
N ILE C 223 -19.73 0.83 -10.61
CA ILE C 223 -19.84 1.02 -12.06
C ILE C 223 -18.48 1.40 -12.49
N PRO C 224 -17.90 0.64 -13.46
CA PRO C 224 -16.45 0.80 -13.65
C PRO C 224 -16.09 2.00 -14.46
N THR C 225 -17.03 2.57 -15.22
CA THR C 225 -16.72 3.61 -16.15
C THR C 225 -17.09 4.95 -15.64
N TYR C 226 -17.34 5.12 -14.32
CA TYR C 226 -17.27 6.45 -13.71
C TYR C 226 -16.04 6.51 -12.72
N PRO C 227 -15.50 7.67 -12.45
CA PRO C 227 -14.17 7.77 -11.79
C PRO C 227 -14.17 7.13 -10.44
N CYS C 228 -13.13 6.37 -10.13
CA CYS C 228 -13.01 5.62 -8.87
C CYS C 228 -13.87 4.36 -8.89
N GLY C 229 -14.62 4.13 -10.03
CA GLY C 229 -15.43 3.00 -10.20
C GLY C 229 -16.65 2.91 -9.32
N CYS C 230 -17.09 4.07 -8.86
CA CYS C 230 -18.27 4.13 -8.11
C CYS C 230 -18.87 5.52 -8.21
N ILE C 231 -20.15 5.56 -7.97
CA ILE C 231 -20.87 6.80 -7.99
C ILE C 231 -21.95 6.70 -6.92
N GLY C 232 -22.18 7.84 -6.25
CA GLY C 232 -23.06 7.95 -5.13
C GLY C 232 -24.40 8.51 -5.50
N ILE C 233 -25.37 8.14 -4.73
CA ILE C 233 -26.70 8.63 -4.84
C ILE C 233 -27.01 9.42 -3.56
N LEU C 234 -27.23 10.72 -3.71
CA LEU C 234 -27.78 11.55 -2.60
C LEU C 234 -29.24 11.28 -2.51
N CYS C 235 -29.68 10.87 -1.30
CA CYS C 235 -30.98 10.40 -1.09
C CYS C 235 -31.72 11.30 -0.12
N CYS C 236 -32.83 11.87 -0.56
CA CYS C 236 -33.48 12.94 0.19
C CYS C 236 -34.95 12.54 0.35
N SER C 237 -35.33 12.50 1.64
CA SER C 237 -36.66 12.13 2.03
C SER C 237 -37.23 13.17 2.97
N LYS C 238 -38.52 13.47 2.74
CA LYS C 238 -39.18 14.45 3.61
C LYS C 238 -39.76 13.77 4.79
N THR C 239 -40.00 12.50 4.61
CA THR C 239 -40.46 11.64 5.71
C THR C 239 -39.38 11.45 6.71
N ASP C 240 -39.74 11.05 7.91
CA ASP C 240 -38.71 10.70 8.88
C ASP C 240 -37.91 9.40 8.53
N THR C 241 -38.50 8.46 7.73
CA THR C 241 -38.03 7.12 7.38
C THR C 241 -36.88 6.75 6.36
N GLY C 242 -36.61 7.66 5.50
CA GLY C 242 -35.63 7.49 4.42
C GLY C 242 -35.81 6.51 3.28
N LEU C 243 -34.69 6.32 2.57
CA LEU C 243 -34.72 5.62 1.30
C LEU C 243 -34.02 4.27 1.32
N THR C 244 -33.59 3.83 2.50
CA THR C 244 -32.78 2.59 2.58
C THR C 244 -33.54 1.27 2.51
N LYS C 245 -34.85 1.32 2.66
CA LYS C 245 -35.67 0.13 2.70
C LYS C 245 -36.83 0.13 1.72
N PRO C 246 -36.73 -0.72 0.67
CA PRO C 246 -37.79 -0.72 -0.32
C PRO C 246 -39.11 -1.20 0.25
N ASN C 247 -40.16 -0.63 -0.24
CA ASN C 247 -41.53 -1.03 0.11
C ASN C 247 -42.17 -1.87 -0.95
N LYS C 248 -41.42 -2.35 -1.93
CA LYS C 248 -41.96 -3.28 -2.95
C LYS C 248 -40.79 -4.05 -3.57
N LYS C 249 -41.08 -5.15 -4.25
CA LYS C 249 -40.04 -5.88 -4.97
C LYS C 249 -40.34 -5.90 -6.40
N LEU C 250 -39.29 -6.02 -7.20
CA LEU C 250 -39.43 -6.01 -8.63
C LEU C 250 -39.39 -7.45 -9.28
N GLU C 251 -40.55 -8.11 -9.33
CA GLU C 251 -40.59 -9.56 -9.66
C GLU C 251 -41.35 -9.88 -10.96
N SER C 252 -42.18 -8.97 -11.44
CA SER C 252 -43.01 -9.18 -12.65
C SER C 252 -42.21 -9.21 -13.90
N LYS C 253 -42.84 -9.64 -15.00
CA LYS C 253 -42.18 -9.84 -16.27
C LYS C 253 -41.53 -8.62 -16.83
N GLU C 254 -42.09 -7.46 -16.54
CA GLU C 254 -41.53 -6.24 -16.91
C GLU C 254 -40.08 -5.94 -16.36
N PHE C 255 -39.76 -6.56 -15.25
CA PHE C 255 -38.50 -6.44 -14.55
C PHE C 255 -37.61 -7.67 -14.77
N ALA C 256 -37.97 -8.52 -15.74
CA ALA C 256 -37.23 -9.80 -15.88
C ALA C 256 -35.84 -9.52 -16.38
N ASP C 257 -35.65 -8.39 -17.05
CA ASP C 257 -34.41 -8.05 -17.57
C ASP C 257 -33.40 -7.34 -16.61
N LEU C 258 -33.69 -7.15 -15.32
CA LEU C 258 -32.74 -6.33 -14.49
C LEU C 258 -31.42 -7.06 -14.36
N LYS C 259 -30.33 -6.32 -14.38
CA LYS C 259 -28.98 -6.88 -14.35
C LYS C 259 -28.16 -6.39 -13.15
N TYR C 260 -28.65 -5.44 -12.37
CA TYR C 260 -27.95 -5.02 -11.11
C TYR C 260 -28.85 -5.02 -9.90
N TYR C 261 -29.94 -4.22 -9.97
CA TYR C 261 -30.72 -3.93 -8.83
C TYR C 261 -31.39 -5.20 -8.42
N ASN C 262 -31.45 -5.39 -7.11
CA ASN C 262 -32.42 -6.30 -6.54
C ASN C 262 -32.73 -5.80 -5.11
N TYR C 263 -33.63 -6.47 -4.42
CA TYR C 263 -34.05 -6.02 -3.11
C TYR C 263 -32.90 -5.83 -2.07
N GLU C 264 -31.95 -6.78 -2.04
CA GLU C 264 -30.92 -6.75 -0.96
C GLU C 264 -29.92 -5.71 -1.25
N ASN C 265 -29.64 -5.60 -2.54
CA ASN C 265 -28.63 -4.64 -3.06
C ASN C 265 -29.01 -3.17 -2.86
N HIS C 266 -30.33 -2.97 -2.85
CA HIS C 266 -30.88 -1.69 -2.53
C HIS C 266 -30.38 -1.17 -1.15
N SER C 267 -30.60 -1.93 -0.08
CA SER C 267 -30.16 -1.50 1.26
CA SER C 267 -30.17 -1.51 1.27
C SER C 267 -28.64 -1.52 1.47
N ALA C 268 -27.99 -2.47 0.83
CA ALA C 268 -26.54 -2.72 1.02
C ALA C 268 -25.82 -1.51 0.50
N ALA C 269 -26.44 -0.88 -0.48
CA ALA C 269 -25.84 0.29 -1.12
C ALA C 269 -25.59 1.47 -0.15
N PHE C 270 -26.30 1.48 0.98
CA PHE C 270 -26.20 2.57 1.93
C PHE C 270 -25.26 2.29 3.09
N LYS C 271 -24.61 1.13 3.07
CA LYS C 271 -23.64 0.76 4.10
C LYS C 271 -22.26 1.23 3.69
N LEU C 272 -21.90 2.40 4.16
CA LEU C 272 -20.77 3.19 3.62
C LEU C 272 -19.49 2.87 4.36
N PRO C 273 -18.33 3.12 3.75
CA PRO C 273 -17.02 2.98 4.38
C PRO C 273 -16.94 3.87 5.64
N ALA C 274 -16.29 3.36 6.66
CA ALA C 274 -16.16 4.08 7.97
C ALA C 274 -15.72 5.53 7.84
N PHE C 275 -14.75 5.79 6.97
CA PHE C 275 -14.15 7.09 6.89
C PHE C 275 -15.23 8.09 6.43
N LEU C 276 -16.11 7.67 5.52
CA LEU C 276 -17.13 8.55 4.99
C LEU C 276 -18.14 8.83 6.10
N LEU C 277 -18.50 7.81 6.77
CA LEU C 277 -19.41 8.05 7.92
C LEU C 277 -18.82 9.07 8.87
N LYS C 278 -17.52 9.03 9.19
CA LYS C 278 -16.93 10.00 10.17
C LYS C 278 -16.97 11.42 9.59
N GLU C 279 -16.79 11.53 8.25
CA GLU C 279 -16.89 12.79 7.60
C GLU C 279 -18.27 13.31 7.61
N ILE C 280 -19.25 12.44 7.38
CA ILE C 280 -20.66 12.82 7.41
C ILE C 280 -21.09 13.38 8.83
N GLU C 281 -20.47 12.84 9.87
CA GLU C 281 -20.66 13.39 11.25
C GLU C 281 -20.16 14.79 11.50
N ASN C 282 -19.24 15.24 10.65
CA ASN C 282 -18.65 16.55 10.71
C ASN C 282 -19.33 17.49 9.78
N ILE C 283 -20.54 17.18 9.36
CA ILE C 283 -21.29 18.11 8.44
C ILE C 283 -22.12 19.14 9.22
#